data_9JO8
#
_entry.id   9JO8
#
_cell.length_a   1.00
_cell.length_b   1.00
_cell.length_c   1.00
_cell.angle_alpha   90.00
_cell.angle_beta   90.00
_cell.angle_gamma   90.00
#
_symmetry.space_group_name_H-M   'P 1'
#
loop_
_entity.id
_entity.type
_entity.pdbx_description
1 polymer 'TALE repeat protein targeting mitochondiral ND1-L gene.'
2 polymer 'TALE repeat protein recognized single-strand DNA sequence and mitochondrial ND4 gene sequence.'
3 polymer 'a complementary strand of TALE repeat protein recognized single-strand DNA sequence and a complementary strand of mitochondrial ND4 gene sequence.'
4 polymer 'Double-stranded DNA deaminase toxin A'
5 non-polymer 'ZINC ION'
6 water water
#
loop_
_entity_poly.entity_id
_entity_poly.type
_entity_poly.pdbx_seq_one_letter_code
_entity_poly.pdbx_strand_id
1 'polypeptide(L)'
;MGSSDIADLRTLGYSQQQQEKIKPKVRSTVAQHHEALVGHGFTHAHIVALSQHPAALGTVAVKYQDMIAALPEATHEAIV
GVGKQWSGARALEALLTVAGELRGPPLQLDTGQLLKIAKRGGVTAVEAVHAWRNALTGAPLNLTPEQVVAIASHDGGKQA
LETVQRLLPVLCQAHGLTPEQVVAIASNGGGKQALETVQRLLPVLCQAHGLTPEQVVAIASNIGGKQALETVQRLLPVLC
QAHGLTPEQVVAIASNNGGKQALETVQRLLPVLCQAHGLTPEQVVAIASHDGGKQALETVQRLLPVLCQAHGLTPEQVVA
IASHDGGKQALETVQRLLPVLCQAHGLTPEQVVAIASNGGGKQALETVQRLLPVLCQAHGLTPEQVVAIASNIGGKQALE
TVQRLLPVLCQAHGLTPEQVVAIASNNGGKQALETVQRLLPVLCQAHGLTPEQVVAIASHDGGKQALETVQRLLPVLCQA
HGLTPEQVVAIASHDGGKQALETVQRLLPVLCQAHGLTPEQVVAIASNNGGKQALETVQRLLPVLCQAHGLTPEQVVAIA
SNGGGKQALETVQRLLPVLCQAHGLTPEQVVAIASNGGGKQALETVQRLLPVLCQAHGLTPEQVVAIASNGGGKQALESI
VAQLSRPDPALAALTNDHLVALACLGGRPALDAVKKGLG
;
A
2 'polydeoxyribonucleotide'
;(DG)(DA)(DA)(DT)(DC)(DT)(DA)(DG)(DC)(DC)(DT)(DA)(DG)(DC)(DC)(DG)(DT)(DT)(DT)(DC)
(DC)(DT)(DG)(DA)(DT)(DC)(DA)(DA)(DA)(DT)(DA)(DT)(DC)
;
B
3 'polydeoxyribonucleotide'
;(DG)(DA)(DT)(DA)(DT)(DT)(DT)(DG)(DA)(DT)(DC)(DA)(DG)(DG)(DA)(DA)(DA)(DC)(DG)(DG)
(DC)(DT)(DA)(DG)(DG)(DC)(DT)(DA)(DG)(DA)(DT)(DT)(DC)
;
C
4 'polypeptide(L)'
;GSYALGPYQISAPQLPAYNGQTVGTFYYVNDAGGLEGKVFISGGPTPYPNYVSAGHVESQSALFMRDNGISEGLVFHNNP
KGTCGFCVNMIETLLPENAKMTVVPPEGVIPVKRGATGETKVFIGNSNGPKSP
;
D
#
loop_
_chem_comp.id
_chem_comp.type
_chem_comp.name
_chem_comp.formula
DA DNA linking 2'-DEOXYADENOSINE-5'-MONOPHOSPHATE 'C10 H14 N5 O6 P'
DC DNA linking 2'-DEOXYCYTIDINE-5'-MONOPHOSPHATE 'C9 H14 N3 O7 P'
DG DNA linking 2'-DEOXYGUANOSINE-5'-MONOPHOSPHATE 'C10 H14 N5 O7 P'
DT DNA linking THYMIDINE-5'-MONOPHOSPHATE 'C10 H15 N2 O8 P'
ZN non-polymer 'ZINC ION' 'Zn 2'
#
# COMPACT_ATOMS: atom_id res chain seq x y z
N ASP A 8 50.19 17.44 -11.33
CA ASP A 8 50.28 18.88 -11.45
C ASP A 8 48.95 19.55 -11.18
N LEU A 9 47.98 18.76 -10.71
CA LEU A 9 46.64 19.25 -10.43
C LEU A 9 46.46 19.72 -8.99
N ARG A 10 47.48 19.56 -8.15
CA ARG A 10 47.36 19.98 -6.75
C ARG A 10 47.26 21.49 -6.63
N THR A 11 47.97 22.23 -7.48
CA THR A 11 47.96 23.68 -7.40
C THR A 11 46.58 24.25 -7.71
N LEU A 12 45.78 23.53 -8.51
CA LEU A 12 44.44 24.02 -8.85
C LEU A 12 43.46 23.85 -7.69
N GLY A 13 43.60 22.80 -6.90
CA GLY A 13 42.72 22.59 -5.77
C GLY A 13 42.07 21.22 -5.73
N TYR A 14 42.65 20.27 -6.46
CA TYR A 14 42.14 18.91 -6.51
C TYR A 14 42.91 18.03 -5.54
N SER A 15 42.18 17.24 -4.75
CA SER A 15 42.80 16.35 -3.79
C SER A 15 43.32 15.09 -4.48
N GLN A 16 43.99 14.24 -3.71
CA GLN A 16 44.54 12.99 -4.25
C GLN A 16 43.44 12.06 -4.71
N GLN A 17 42.36 11.95 -3.94
CA GLN A 17 41.24 11.08 -4.31
C GLN A 17 40.60 11.53 -5.63
N GLN A 18 40.43 12.85 -5.79
CA GLN A 18 39.89 13.36 -7.04
C GLN A 18 40.89 13.21 -8.20
N GLN A 19 42.18 13.31 -7.90
CA GLN A 19 43.19 13.18 -8.94
C GLN A 19 43.25 11.76 -9.49
N GLU A 20 43.07 10.76 -8.62
CA GLU A 20 43.11 9.38 -9.10
C GLU A 20 41.92 9.05 -10.00
N LYS A 21 40.78 9.70 -9.80
CA LYS A 21 39.60 9.42 -10.64
C LYS A 21 39.85 9.83 -12.09
N ILE A 22 40.49 10.99 -12.29
CA ILE A 22 40.72 11.49 -13.65
C ILE A 22 41.77 10.62 -14.34
N LYS A 23 41.46 10.19 -15.56
CA LYS A 23 42.40 9.39 -16.32
C LYS A 23 43.63 10.23 -16.68
N PRO A 24 44.80 9.60 -16.77
CA PRO A 24 46.02 10.39 -17.06
C PRO A 24 45.95 11.15 -18.37
N LYS A 25 45.48 10.51 -19.44
CA LYS A 25 45.56 11.08 -20.78
C LYS A 25 44.65 12.29 -20.96
N VAL A 26 43.75 12.56 -20.00
CA VAL A 26 42.86 13.71 -20.07
C VAL A 26 43.24 14.78 -19.04
N ARG A 27 44.23 14.51 -18.19
CA ARG A 27 44.53 15.46 -17.11
C ARG A 27 44.86 16.83 -17.66
N SER A 28 45.69 16.89 -18.70
CA SER A 28 46.09 18.17 -19.27
C SER A 28 44.89 18.96 -19.74
N THR A 29 43.90 18.29 -20.35
CA THR A 29 42.72 19.00 -20.82
C THR A 29 41.97 19.65 -19.66
N VAL A 30 41.92 18.98 -18.50
CA VAL A 30 41.27 19.58 -17.35
C VAL A 30 42.01 20.85 -16.95
N ALA A 31 43.34 20.85 -17.06
CA ALA A 31 44.09 22.06 -16.76
C ALA A 31 43.85 23.15 -17.79
N GLN A 32 43.53 22.76 -19.03
CA GLN A 32 43.40 23.75 -20.10
C GLN A 32 42.16 24.62 -19.91
N HIS A 33 41.03 24.03 -19.50
CA HIS A 33 39.76 24.73 -19.46
C HIS A 33 39.24 24.93 -18.03
N HIS A 34 40.15 25.01 -17.05
CA HIS A 34 39.71 25.17 -15.67
C HIS A 34 39.22 26.59 -15.39
N GLU A 35 39.95 27.59 -15.89
CA GLU A 35 39.61 28.98 -15.55
C GLU A 35 38.23 29.37 -16.05
N ALA A 36 37.91 29.04 -17.30
CA ALA A 36 36.62 29.40 -17.86
C ALA A 36 35.50 28.60 -17.19
N LEU A 37 35.74 27.33 -16.90
CA LEU A 37 34.72 26.50 -16.28
C LEU A 37 34.38 26.99 -14.88
N VAL A 38 35.40 27.34 -14.07
CA VAL A 38 35.12 27.88 -12.75
C VAL A 38 34.49 29.26 -12.85
N GLY A 39 34.91 30.05 -13.83
CA GLY A 39 34.32 31.37 -14.02
C GLY A 39 32.84 31.35 -14.32
N HIS A 40 32.33 30.25 -14.87
CA HIS A 40 30.91 30.12 -15.16
C HIS A 40 30.10 29.64 -13.97
N GLY A 41 30.74 29.20 -12.89
CA GLY A 41 30.03 28.74 -11.71
C GLY A 41 29.91 27.23 -11.63
N PHE A 42 31.02 26.54 -11.85
CA PHE A 42 31.06 25.08 -11.80
C PHE A 42 31.93 24.63 -10.64
N THR A 43 31.37 23.77 -9.78
CA THR A 43 32.13 23.22 -8.67
C THR A 43 33.15 22.19 -9.18
N HIS A 44 34.16 21.92 -8.36
CA HIS A 44 35.22 20.99 -8.75
C HIS A 44 34.67 19.59 -8.99
N ALA A 45 33.71 19.16 -8.16
CA ALA A 45 33.10 17.85 -8.35
C ALA A 45 32.36 17.78 -9.69
N HIS A 46 31.76 18.89 -10.12
CA HIS A 46 31.11 18.91 -11.43
C HIS A 46 32.11 18.76 -12.55
N ILE A 47 33.27 19.40 -12.43
CA ILE A 47 34.33 19.26 -13.44
C ILE A 47 34.82 17.82 -13.49
N VAL A 48 35.01 17.20 -12.33
CA VAL A 48 35.46 15.82 -12.30
C VAL A 48 34.41 14.91 -12.94
N ALA A 49 33.14 15.14 -12.65
CA ALA A 49 32.08 14.32 -13.23
C ALA A 49 32.02 14.48 -14.74
N LEU A 50 32.19 15.70 -15.24
CA LEU A 50 32.17 15.95 -16.68
C LEU A 50 33.57 15.74 -17.27
N SER A 51 34.05 14.51 -17.09
CA SER A 51 35.34 14.10 -17.63
C SER A 51 35.31 12.74 -18.32
N GLN A 52 34.25 11.96 -18.15
CA GLN A 52 34.11 10.71 -18.91
C GLN A 52 34.01 10.98 -20.40
N HIS A 53 33.56 12.17 -20.80
CA HIS A 53 33.56 12.62 -22.19
C HIS A 53 34.44 13.85 -22.27
N PRO A 54 35.73 13.67 -22.59
CA PRO A 54 36.66 14.81 -22.55
C PRO A 54 36.28 15.95 -23.48
N ALA A 55 35.73 15.64 -24.66
CA ALA A 55 35.42 16.68 -25.64
C ALA A 55 34.37 17.65 -25.13
N ALA A 56 33.52 17.23 -24.19
CA ALA A 56 32.53 18.13 -23.62
C ALA A 56 33.17 19.25 -22.83
N LEU A 57 34.36 19.02 -22.27
CA LEU A 57 35.08 20.11 -21.60
C LEU A 57 35.42 21.23 -22.56
N GLY A 58 35.44 20.94 -23.86
CA GLY A 58 35.65 21.98 -24.85
C GLY A 58 34.40 22.67 -25.33
N THR A 59 33.21 22.14 -25.01
CA THR A 59 31.98 22.76 -25.47
C THR A 59 31.40 23.69 -24.42
N VAL A 60 31.20 23.19 -23.20
CA VAL A 60 30.55 23.99 -22.15
C VAL A 60 31.35 25.26 -21.90
N ALA A 61 32.68 25.16 -21.88
CA ALA A 61 33.50 26.34 -21.71
C ALA A 61 33.35 27.31 -22.88
N VAL A 62 33.30 26.80 -24.11
CA VAL A 62 33.30 27.68 -25.27
C VAL A 62 31.95 28.35 -25.43
N LYS A 63 30.87 27.58 -25.39
CA LYS A 63 29.52 28.11 -25.57
C LYS A 63 28.66 27.68 -24.39
N TYR A 64 28.34 28.63 -23.52
CA TYR A 64 27.47 28.36 -22.37
C TYR A 64 26.36 29.41 -22.31
N GLN A 65 26.63 30.60 -22.86
CA GLN A 65 25.59 31.62 -22.92
C GLN A 65 24.45 31.19 -23.82
N ASP A 66 24.77 30.56 -24.95
CA ASP A 66 23.72 30.06 -25.84
C ASP A 66 22.92 28.96 -25.19
N MET A 67 23.56 28.12 -24.36
CA MET A 67 22.83 27.07 -23.66
C MET A 67 21.80 27.66 -22.72
N ILE A 68 22.16 28.72 -22.00
CA ILE A 68 21.21 29.37 -21.10
C ILE A 68 20.13 30.09 -21.90
N ALA A 69 20.50 30.71 -23.02
CA ALA A 69 19.51 31.42 -23.83
C ALA A 69 18.47 30.46 -24.40
N ALA A 70 18.90 29.30 -24.89
CA ALA A 70 17.96 28.34 -25.44
C ALA A 70 17.21 27.58 -24.35
N LEU A 71 17.80 27.40 -23.19
CA LEU A 71 17.20 26.67 -22.07
C LEU A 71 17.27 27.55 -20.83
N PRO A 72 16.31 28.46 -20.66
CA PRO A 72 16.41 29.43 -19.55
C PRO A 72 16.41 28.81 -18.17
N GLU A 73 15.67 27.72 -17.96
CA GLU A 73 15.53 27.13 -16.63
C GLU A 73 16.55 26.04 -16.34
N ALA A 74 17.49 25.79 -17.24
CA ALA A 74 18.47 24.73 -17.02
C ALA A 74 19.46 25.12 -15.93
N THR A 75 19.87 24.14 -15.14
CA THR A 75 20.84 24.32 -14.07
C THR A 75 22.15 23.62 -14.44
N HIS A 76 23.10 23.63 -13.51
CA HIS A 76 24.41 23.05 -13.78
C HIS A 76 24.37 21.53 -13.76
N GLU A 77 23.62 20.95 -12.83
CA GLU A 77 23.58 19.50 -12.68
C GLU A 77 23.02 18.84 -13.92
N ALA A 78 21.94 19.40 -14.48
CA ALA A 78 21.33 18.83 -15.67
C ALA A 78 22.28 18.92 -16.87
N ILE A 79 22.98 20.05 -17.01
CA ILE A 79 23.92 20.21 -18.11
C ILE A 79 25.05 19.19 -17.99
N VAL A 80 25.60 19.00 -16.79
CA VAL A 80 26.66 18.03 -16.59
C VAL A 80 26.17 16.62 -16.90
N GLY A 81 24.96 16.28 -16.42
CA GLY A 81 24.42 14.95 -16.68
C GLY A 81 24.19 14.70 -18.16
N VAL A 82 23.75 15.72 -18.89
CA VAL A 82 23.58 15.57 -20.32
C VAL A 82 24.92 15.42 -21.02
N GLY A 83 25.93 16.16 -20.57
CA GLY A 83 27.22 16.16 -21.21
C GLY A 83 28.21 15.11 -20.75
N LYS A 84 27.85 14.22 -19.83
CA LYS A 84 28.75 13.18 -19.37
C LYS A 84 28.43 11.81 -19.97
N GLN A 85 27.53 11.74 -20.95
CA GLN A 85 27.13 10.47 -21.53
C GLN A 85 28.03 10.12 -22.72
N TRP A 86 27.64 9.08 -23.48
CA TRP A 86 28.46 8.63 -24.60
C TRP A 86 28.46 9.63 -25.74
N SER A 87 27.37 10.38 -25.92
CA SER A 87 27.27 11.44 -26.91
C SER A 87 26.81 12.71 -26.18
N GLY A 88 27.77 13.44 -25.63
CA GLY A 88 27.44 14.60 -24.83
C GLY A 88 27.52 15.92 -25.55
N ALA A 89 28.64 16.18 -26.23
CA ALA A 89 28.79 17.45 -26.94
C ALA A 89 27.79 17.54 -28.09
N ARG A 90 27.66 16.46 -28.87
CA ARG A 90 26.78 16.49 -30.03
C ARG A 90 25.32 16.68 -29.62
N ALA A 91 24.91 16.09 -28.50
CA ALA A 91 23.54 16.28 -28.04
C ALA A 91 23.26 17.74 -27.70
N LEU A 92 24.20 18.40 -27.03
CA LEU A 92 24.02 19.81 -26.69
C LEU A 92 23.98 20.68 -27.93
N GLU A 93 24.91 20.44 -28.86
CA GLU A 93 24.93 21.26 -30.08
C GLU A 93 23.68 21.03 -30.92
N ALA A 94 23.13 19.81 -30.92
CA ALA A 94 21.87 19.58 -31.61
C ALA A 94 20.71 20.24 -30.89
N LEU A 95 20.76 20.30 -29.55
CA LEU A 95 19.71 20.97 -28.80
C LEU A 95 19.66 22.46 -29.13
N LEU A 96 20.83 23.09 -29.25
CA LEU A 96 20.86 24.51 -29.60
C LEU A 96 20.20 24.79 -30.94
N THR A 97 20.28 23.86 -31.90
CA THR A 97 19.67 24.08 -33.21
C THR A 97 18.25 23.52 -33.34
N VAL A 98 17.79 22.70 -32.39
CA VAL A 98 16.48 22.09 -32.50
C VAL A 98 15.45 22.68 -31.52
N ALA A 99 15.88 23.19 -30.37
CA ALA A 99 14.94 23.64 -29.35
C ALA A 99 14.04 24.76 -29.84
N GLY A 100 14.51 25.56 -30.80
CA GLY A 100 13.69 26.65 -31.31
C GLY A 100 12.43 26.17 -31.98
N GLU A 101 12.56 25.17 -32.86
CA GLU A 101 11.39 24.62 -33.54
C GLU A 101 10.62 23.64 -32.66
N LEU A 102 11.31 22.93 -31.76
CA LEU A 102 10.62 21.90 -30.99
C LEU A 102 9.67 22.45 -29.93
N ARG A 103 9.73 23.75 -29.64
CA ARG A 103 8.84 24.33 -28.64
C ARG A 103 7.48 24.73 -29.20
N GLY A 104 7.29 24.68 -30.51
CA GLY A 104 6.02 25.03 -31.11
C GLY A 104 5.15 23.82 -31.34
N PRO A 105 4.20 23.93 -32.28
CA PRO A 105 3.32 22.80 -32.59
C PRO A 105 4.06 21.75 -33.40
N PRO A 106 3.60 20.50 -33.40
CA PRO A 106 2.45 19.96 -32.66
C PRO A 106 2.81 19.37 -31.30
N LEU A 107 4.06 19.50 -30.86
CA LEU A 107 4.51 18.86 -29.63
C LEU A 107 4.44 19.78 -28.42
N GLN A 108 5.00 20.98 -28.52
CA GLN A 108 5.00 21.98 -27.44
C GLN A 108 5.65 21.41 -26.18
N LEU A 109 6.94 21.11 -26.30
CA LEU A 109 7.73 20.56 -25.21
C LEU A 109 8.32 21.69 -24.35
N ASP A 110 8.72 21.33 -23.14
CA ASP A 110 9.36 22.24 -22.20
C ASP A 110 10.82 21.86 -22.02
N THR A 111 11.49 22.59 -21.12
CA THR A 111 12.92 22.38 -20.90
C THR A 111 13.20 21.00 -20.31
N GLY A 112 12.39 20.58 -19.33
CA GLY A 112 12.63 19.31 -18.67
C GLY A 112 12.53 18.13 -19.62
N GLN A 113 11.53 18.14 -20.52
CA GLN A 113 11.39 17.06 -21.48
C GLN A 113 12.54 17.04 -22.47
N LEU A 114 12.99 18.21 -22.92
CA LEU A 114 14.12 18.28 -23.84
C LEU A 114 15.39 17.74 -23.19
N LEU A 115 15.64 18.11 -21.94
CA LEU A 115 16.84 17.62 -21.26
C LEU A 115 16.74 16.12 -21.00
N LYS A 116 15.56 15.63 -20.63
CA LYS A 116 15.40 14.19 -20.42
C LYS A 116 15.64 13.41 -21.71
N ILE A 117 15.03 13.85 -22.81
CA ILE A 117 15.17 13.09 -24.06
C ILE A 117 16.60 13.16 -24.55
N ALA A 118 17.25 14.32 -24.43
CA ALA A 118 18.65 14.40 -24.85
C ALA A 118 19.53 13.47 -24.03
N LYS A 119 19.42 13.56 -22.69
CA LYS A 119 20.31 12.80 -21.83
C LYS A 119 20.12 11.29 -22.01
N ARG A 120 18.87 10.83 -22.14
CA ARG A 120 18.64 9.40 -22.20
C ARG A 120 18.52 8.85 -23.62
N GLY A 121 18.63 9.68 -24.66
CA GLY A 121 18.55 9.13 -26.00
C GLY A 121 19.66 9.52 -26.95
N GLY A 122 20.26 10.70 -26.76
CA GLY A 122 21.31 11.14 -27.64
C GLY A 122 20.83 11.99 -28.81
N VAL A 123 21.83 12.35 -29.62
CA VAL A 123 21.60 13.18 -30.78
C VAL A 123 20.72 12.45 -31.79
N THR A 124 20.87 11.13 -31.90
CA THR A 124 20.02 10.37 -32.81
C THR A 124 18.56 10.49 -32.42
N ALA A 125 18.26 10.38 -31.12
CA ALA A 125 16.88 10.48 -30.66
C ALA A 125 16.32 11.88 -30.88
N VAL A 126 17.12 12.92 -30.56
CA VAL A 126 16.58 14.27 -30.72
C VAL A 126 16.36 14.60 -32.20
N GLU A 127 17.24 14.12 -33.09
CA GLU A 127 17.06 14.39 -34.51
C GLU A 127 15.89 13.59 -35.07
N ALA A 128 15.68 12.36 -34.60
CA ALA A 128 14.53 11.58 -35.04
C ALA A 128 13.23 12.24 -34.60
N VAL A 129 13.17 12.75 -33.37
CA VAL A 129 11.96 13.43 -32.92
C VAL A 129 11.73 14.70 -33.72
N HIS A 130 12.80 15.45 -34.00
CA HIS A 130 12.64 16.66 -34.81
C HIS A 130 12.15 16.35 -36.21
N ALA A 131 12.66 15.28 -36.83
CA ALA A 131 12.36 14.99 -38.22
C ALA A 131 10.93 14.49 -38.41
N TRP A 132 10.50 13.56 -37.56
CA TRP A 132 9.19 12.91 -37.70
C TRP A 132 8.16 13.44 -36.71
N ARG A 133 8.18 14.74 -36.43
CA ARG A 133 7.24 15.30 -35.47
C ARG A 133 5.84 15.45 -36.04
N ASN A 134 5.66 15.29 -37.35
CA ASN A 134 4.35 15.42 -37.98
C ASN A 134 3.65 14.08 -38.21
N ALA A 135 4.40 13.05 -38.59
CA ALA A 135 3.78 11.75 -38.87
C ALA A 135 3.39 11.02 -37.60
N LEU A 136 4.09 11.26 -36.49
CA LEU A 136 3.76 10.56 -35.25
C LEU A 136 2.47 11.07 -34.64
N THR A 137 2.29 12.40 -34.60
CA THR A 137 1.09 12.96 -33.99
C THR A 137 -0.13 12.79 -34.89
N GLY A 138 0.06 12.89 -36.20
CA GLY A 138 -1.05 12.81 -37.13
C GLY A 138 -1.54 11.40 -37.36
N ALA A 139 -2.61 11.30 -38.12
CA ALA A 139 -3.20 10.00 -38.45
C ALA A 139 -2.27 9.21 -39.37
N PRO A 140 -2.34 7.88 -39.33
CA PRO A 140 -3.21 7.02 -38.52
C PRO A 140 -2.56 6.54 -37.24
N LEU A 141 -1.88 7.42 -36.49
CA LEU A 141 -1.24 7.05 -35.23
C LEU A 141 -1.90 7.71 -34.03
N ASN A 142 -2.03 9.03 -34.04
CA ASN A 142 -2.70 9.78 -32.97
C ASN A 142 -2.04 9.52 -31.61
N LEU A 143 -0.78 9.95 -31.51
CA LEU A 143 0.02 9.74 -30.31
C LEU A 143 0.12 11.04 -29.52
N THR A 144 -0.11 10.95 -28.21
CA THR A 144 0.08 12.09 -27.34
C THR A 144 1.57 12.43 -27.25
N PRO A 145 1.91 13.72 -27.15
CA PRO A 145 3.33 14.09 -27.00
C PRO A 145 4.03 13.41 -25.84
N GLU A 146 3.33 13.18 -24.73
CA GLU A 146 3.93 12.49 -23.60
C GLU A 146 4.34 11.07 -23.99
N GLN A 147 3.52 10.38 -24.78
CA GLN A 147 3.87 9.04 -25.23
C GLN A 147 5.10 9.06 -26.13
N VAL A 148 5.20 10.06 -27.01
CA VAL A 148 6.38 10.19 -27.86
C VAL A 148 7.62 10.41 -27.02
N VAL A 149 7.52 11.29 -26.01
CA VAL A 149 8.66 11.56 -25.15
C VAL A 149 9.07 10.29 -24.40
N ALA A 150 8.10 9.54 -23.88
CA ALA A 150 8.39 8.32 -23.15
C ALA A 150 9.08 7.29 -24.04
N ILE A 151 8.60 7.14 -25.28
CA ILE A 151 9.22 6.19 -26.19
C ILE A 151 10.64 6.62 -26.54
N ALA A 152 10.86 7.91 -26.76
CA ALA A 152 12.15 8.40 -27.24
C ALA A 152 13.16 8.64 -26.13
N SER A 153 12.80 8.41 -24.87
CA SER A 153 13.69 8.69 -23.74
C SER A 153 14.36 7.43 -23.21
N HIS A 154 14.71 6.49 -24.09
CA HIS A 154 15.40 5.27 -23.70
C HIS A 154 16.57 5.02 -24.63
N ASP A 155 17.58 4.33 -24.11
CA ASP A 155 18.77 4.00 -24.90
C ASP A 155 18.15 3.14 -25.99
N GLY A 156 18.47 3.37 -27.22
CA GLY A 156 17.84 2.67 -28.33
C GLY A 156 16.73 3.36 -29.09
N GLY A 157 16.60 4.67 -28.91
CA GLY A 157 15.65 5.44 -29.68
C GLY A 157 16.03 5.48 -31.14
N LYS A 158 15.15 6.09 -31.93
CA LYS A 158 15.19 6.14 -33.39
C LYS A 158 14.93 4.77 -34.00
N GLN A 159 14.80 3.72 -33.19
CA GLN A 159 14.44 2.39 -33.63
C GLN A 159 13.07 1.97 -33.13
N ALA A 160 12.72 2.34 -31.90
CA ALA A 160 11.38 2.05 -31.40
C ALA A 160 10.33 2.91 -32.11
N LEU A 161 10.68 4.15 -32.45
CA LEU A 161 9.73 5.02 -33.14
C LEU A 161 9.40 4.49 -34.53
N GLU A 162 10.42 4.08 -35.28
CA GLU A 162 10.18 3.53 -36.62
C GLU A 162 9.42 2.21 -36.56
N THR A 163 9.78 1.35 -35.61
CA THR A 163 9.08 0.08 -35.46
C THR A 163 7.63 0.30 -35.08
N VAL A 164 7.36 1.27 -34.21
CA VAL A 164 5.96 1.59 -33.88
C VAL A 164 5.23 2.08 -35.11
N GLN A 165 5.85 3.01 -35.87
CA GLN A 165 5.24 3.54 -37.08
C GLN A 165 4.94 2.47 -38.10
N ARG A 166 5.67 1.36 -38.08
CA ARG A 166 5.45 0.27 -39.04
C ARG A 166 4.50 -0.80 -38.52
N LEU A 167 4.49 -1.07 -37.22
CA LEU A 167 3.81 -2.24 -36.67
C LEU A 167 2.56 -1.93 -35.85
N LEU A 168 2.27 -0.66 -35.54
CA LEU A 168 1.09 -0.37 -34.72
C LEU A 168 -0.22 -0.83 -35.39
N PRO A 169 -0.52 -0.47 -36.64
CA PRO A 169 -1.78 -0.94 -37.23
C PRO A 169 -1.86 -2.45 -37.39
N VAL A 170 -0.76 -3.09 -37.79
CA VAL A 170 -0.78 -4.53 -38.03
C VAL A 170 -1.01 -5.29 -36.73
N LEU A 171 -0.32 -4.90 -35.66
CA LEU A 171 -0.53 -5.54 -34.37
C LEU A 171 -1.92 -5.23 -33.82
N CYS A 172 -2.41 -4.01 -34.02
CA CYS A 172 -3.68 -3.60 -33.44
C CYS A 172 -4.90 -4.05 -34.25
N GLN A 173 -4.70 -4.62 -35.44
CA GLN A 173 -5.82 -5.07 -36.27
C GLN A 173 -5.88 -6.59 -36.39
N ALA A 174 -4.78 -7.24 -36.76
CA ALA A 174 -4.81 -8.67 -37.00
C ALA A 174 -4.88 -9.44 -35.69
N HIS A 175 -3.84 -9.31 -34.85
CA HIS A 175 -3.84 -10.00 -33.57
C HIS A 175 -4.89 -9.42 -32.62
N GLY A 176 -4.89 -8.10 -32.49
CA GLY A 176 -5.88 -7.38 -31.70
C GLY A 176 -5.38 -7.00 -30.32
N LEU A 177 -4.90 -5.76 -30.21
CA LEU A 177 -4.37 -5.22 -28.97
C LEU A 177 -4.82 -3.77 -28.82
N THR A 178 -4.89 -3.32 -27.57
CA THR A 178 -5.21 -1.92 -27.34
C THR A 178 -3.99 -1.04 -27.67
N PRO A 179 -4.21 0.10 -28.31
CA PRO A 179 -3.13 1.06 -28.57
C PRO A 179 -2.12 1.23 -27.44
N GLU A 180 -2.60 1.29 -26.21
CA GLU A 180 -1.72 1.56 -25.08
C GLU A 180 -0.77 0.40 -24.79
N GLN A 181 -1.15 -0.83 -25.11
CA GLN A 181 -0.28 -1.97 -24.82
C GLN A 181 0.97 -1.95 -25.69
N VAL A 182 0.84 -1.53 -26.95
CA VAL A 182 2.00 -1.44 -27.83
C VAL A 182 2.97 -0.38 -27.32
N VAL A 183 2.44 0.77 -26.88
CA VAL A 183 3.30 1.81 -26.32
C VAL A 183 3.99 1.32 -25.07
N ALA A 184 3.26 0.60 -24.22
CA ALA A 184 3.87 0.07 -23.00
C ALA A 184 4.99 -0.91 -23.32
N ILE A 185 4.80 -1.75 -24.35
CA ILE A 185 5.85 -2.68 -24.76
C ILE A 185 7.06 -1.92 -25.29
N ALA A 186 6.83 -0.92 -26.12
CA ALA A 186 7.91 -0.20 -26.78
C ALA A 186 8.59 0.83 -25.89
N SER A 187 8.04 1.13 -24.72
CA SER A 187 8.64 2.15 -23.86
C SER A 187 9.97 1.67 -23.29
N ASN A 188 10.07 0.40 -22.90
CA ASN A 188 11.27 -0.10 -22.26
C ASN A 188 12.41 -0.22 -23.26
N GLY A 189 13.62 -0.39 -22.74
CA GLY A 189 14.79 -0.49 -23.60
C GLY A 189 14.73 -1.74 -24.46
N GLY A 190 15.24 -1.62 -25.69
CA GLY A 190 15.15 -2.71 -26.64
C GLY A 190 13.74 -3.08 -27.02
N GLY A 191 12.88 -2.08 -27.22
CA GLY A 191 11.49 -2.34 -27.55
C GLY A 191 11.29 -2.85 -28.97
N LYS A 192 12.22 -2.55 -29.88
CA LYS A 192 12.10 -3.03 -31.25
C LYS A 192 12.13 -4.56 -31.30
N GLN A 193 13.07 -5.17 -30.56
CA GLN A 193 13.16 -6.62 -30.53
C GLN A 193 11.94 -7.23 -29.86
N ALA A 194 11.43 -6.58 -28.81
CA ALA A 194 10.23 -7.10 -28.14
C ALA A 194 9.03 -7.07 -29.06
N LEU A 195 8.85 -5.98 -29.82
CA LEU A 195 7.73 -5.91 -30.75
C LEU A 195 7.86 -6.94 -31.87
N GLU A 196 9.06 -7.07 -32.43
CA GLU A 196 9.26 -8.04 -33.50
C GLU A 196 9.05 -9.47 -33.01
N THR A 197 9.50 -9.77 -31.78
CA THR A 197 9.33 -11.12 -31.25
C THR A 197 7.87 -11.40 -30.92
N VAL A 198 7.16 -10.42 -30.33
CA VAL A 198 5.77 -10.67 -29.97
C VAL A 198 4.91 -10.86 -31.21
N GLN A 199 5.21 -10.13 -32.30
CA GLN A 199 4.41 -10.26 -33.51
C GLN A 199 4.47 -11.66 -34.07
N ARG A 200 5.61 -12.34 -33.92
CA ARG A 200 5.79 -13.67 -34.47
C ARG A 200 5.36 -14.76 -33.48
N LEU A 201 5.60 -14.55 -32.19
CA LEU A 201 5.38 -15.61 -31.21
C LEU A 201 4.04 -15.53 -30.50
N LEU A 202 3.19 -14.53 -30.76
CA LEU A 202 1.90 -14.50 -30.08
C LEU A 202 1.01 -15.69 -30.42
N PRO A 203 0.78 -16.05 -31.70
CA PRO A 203 -0.12 -17.19 -31.97
C PRO A 203 0.39 -18.52 -31.41
N VAL A 204 1.69 -18.77 -31.43
CA VAL A 204 2.21 -20.06 -30.96
C VAL A 204 1.97 -20.21 -29.47
N LEU A 205 2.28 -19.18 -28.70
CA LEU A 205 2.04 -19.24 -27.26
C LEU A 205 0.56 -19.23 -26.93
N CYS A 206 -0.25 -18.49 -27.69
CA CYS A 206 -1.66 -18.38 -27.41
C CYS A 206 -2.48 -19.58 -27.85
N GLN A 207 -1.94 -20.44 -28.70
CA GLN A 207 -2.68 -21.60 -29.21
C GLN A 207 -2.20 -22.92 -28.63
N ALA A 208 -0.88 -23.17 -28.63
CA ALA A 208 -0.38 -24.46 -28.19
C ALA A 208 -0.24 -24.52 -26.68
N HIS A 209 0.36 -23.49 -26.08
CA HIS A 209 0.67 -23.50 -24.66
C HIS A 209 -0.44 -22.91 -23.79
N GLY A 210 -1.51 -22.40 -24.39
CA GLY A 210 -2.67 -21.94 -23.65
C GLY A 210 -2.43 -20.75 -22.73
N LEU A 211 -1.77 -19.72 -23.24
CA LEU A 211 -1.53 -18.50 -22.49
C LEU A 211 -2.35 -17.35 -23.08
N THR A 212 -2.93 -16.53 -22.21
CA THR A 212 -3.70 -15.39 -22.66
C THR A 212 -2.78 -14.30 -23.21
N PRO A 213 -3.29 -13.47 -24.13
CA PRO A 213 -2.45 -12.37 -24.65
C PRO A 213 -1.98 -11.40 -23.59
N GLU A 214 -2.78 -11.19 -22.54
CA GLU A 214 -2.37 -10.27 -21.47
C GLU A 214 -1.11 -10.75 -20.77
N GLN A 215 -1.00 -12.07 -20.56
CA GLN A 215 0.22 -12.61 -19.95
C GLN A 215 1.43 -12.41 -20.85
N VAL A 216 1.25 -12.59 -22.17
CA VAL A 216 2.35 -12.37 -23.10
C VAL A 216 2.80 -10.92 -23.06
N VAL A 217 1.85 -9.99 -23.04
CA VAL A 217 2.20 -8.57 -22.95
C VAL A 217 2.90 -8.29 -21.63
N ALA A 218 2.44 -8.89 -20.55
CA ALA A 218 3.04 -8.66 -19.24
C ALA A 218 4.49 -9.13 -19.19
N ILE A 219 4.78 -10.30 -19.77
CA ILE A 219 6.14 -10.83 -19.73
C ILE A 219 7.01 -10.31 -20.87
N ALA A 220 6.43 -9.58 -21.83
CA ALA A 220 7.21 -8.98 -22.90
C ALA A 220 7.42 -7.48 -22.72
N SER A 221 6.97 -6.91 -21.61
CA SER A 221 7.06 -5.47 -21.36
C SER A 221 8.15 -5.11 -20.37
N ASN A 222 9.20 -5.93 -20.27
CA ASN A 222 10.30 -5.69 -19.36
C ASN A 222 11.61 -5.62 -20.14
N ILE A 223 12.57 -4.88 -19.61
CA ILE A 223 13.87 -4.76 -20.25
C ILE A 223 14.56 -6.12 -20.24
N GLY A 224 15.01 -6.55 -21.42
CA GLY A 224 15.53 -7.89 -21.59
C GLY A 224 14.63 -8.84 -22.34
N GLY A 225 13.59 -8.33 -23.01
CA GLY A 225 12.68 -9.16 -23.76
C GLY A 225 13.34 -9.88 -24.93
N LYS A 226 12.54 -10.65 -25.69
CA LYS A 226 12.99 -11.47 -26.81
C LYS A 226 13.78 -12.67 -26.29
N GLN A 227 14.10 -12.67 -25.00
CA GLN A 227 14.77 -13.79 -24.35
C GLN A 227 13.87 -14.54 -23.39
N ALA A 228 13.04 -13.82 -22.63
CA ALA A 228 12.02 -14.50 -21.82
C ALA A 228 10.99 -15.19 -22.68
N LEU A 229 10.57 -14.54 -23.76
CA LEU A 229 9.59 -15.14 -24.67
C LEU A 229 10.15 -16.37 -25.35
N GLU A 230 11.42 -16.33 -25.77
CA GLU A 230 12.03 -17.48 -26.40
C GLU A 230 12.33 -18.60 -25.41
N THR A 231 12.38 -18.29 -24.11
CA THR A 231 12.62 -19.30 -23.09
C THR A 231 11.34 -19.96 -22.61
N VAL A 232 10.24 -19.20 -22.48
CA VAL A 232 8.97 -19.80 -22.10
C VAL A 232 8.39 -20.63 -23.22
N GLN A 233 8.90 -20.48 -24.45
CA GLN A 233 8.47 -21.29 -25.57
C GLN A 233 9.16 -22.65 -25.61
N ARG A 234 10.17 -22.86 -24.77
CA ARG A 234 10.93 -24.11 -24.75
C ARG A 234 10.92 -24.79 -23.39
N LEU A 235 11.03 -24.03 -22.29
CA LEU A 235 11.15 -24.60 -20.96
C LEU A 235 9.81 -24.80 -20.26
N LEU A 236 8.71 -24.31 -20.82
CA LEU A 236 7.42 -24.44 -20.14
C LEU A 236 6.97 -25.89 -19.97
N PRO A 237 6.93 -26.74 -21.00
CA PRO A 237 6.46 -28.12 -20.78
C PRO A 237 7.37 -28.93 -19.86
N VAL A 238 8.69 -28.75 -19.94
CA VAL A 238 9.61 -29.51 -19.11
C VAL A 238 9.43 -29.16 -17.64
N LEU A 239 9.36 -27.86 -17.34
CA LEU A 239 9.13 -27.43 -15.96
C LEU A 239 7.76 -27.88 -15.47
N CYS A 240 6.74 -27.76 -16.33
CA CYS A 240 5.38 -28.08 -15.90
C CYS A 240 5.21 -29.56 -15.59
N GLN A 241 5.85 -30.44 -16.37
CA GLN A 241 5.62 -31.87 -16.23
C GLN A 241 6.66 -32.56 -15.34
N ALA A 242 7.94 -32.22 -15.47
CA ALA A 242 8.96 -32.90 -14.69
C ALA A 242 8.99 -32.41 -13.24
N HIS A 243 8.74 -31.12 -13.02
CA HIS A 243 8.86 -30.54 -11.69
C HIS A 243 7.52 -30.28 -11.02
N GLY A 244 6.48 -29.99 -11.80
CA GLY A 244 5.15 -29.79 -11.23
C GLY A 244 4.84 -28.37 -10.81
N LEU A 245 4.99 -27.42 -11.73
CA LEU A 245 4.62 -26.03 -11.49
C LEU A 245 3.51 -25.63 -12.44
N THR A 246 2.55 -24.88 -11.92
CA THR A 246 1.47 -24.34 -12.75
C THR A 246 2.02 -23.25 -13.66
N PRO A 247 1.37 -23.01 -14.80
CA PRO A 247 1.85 -21.96 -15.72
C PRO A 247 1.91 -20.58 -15.10
N GLU A 248 1.07 -20.30 -14.10
CA GLU A 248 1.09 -18.99 -13.45
C GLU A 248 2.43 -18.74 -12.77
N GLN A 249 2.98 -19.75 -12.11
CA GLN A 249 4.27 -19.59 -11.45
C GLN A 249 5.39 -19.35 -12.47
N VAL A 250 5.35 -20.07 -13.59
CA VAL A 250 6.36 -19.86 -14.63
C VAL A 250 6.27 -18.45 -15.18
N VAL A 251 5.04 -17.98 -15.45
CA VAL A 251 4.86 -16.63 -15.96
C VAL A 251 5.37 -15.60 -14.96
N ALA A 252 5.08 -15.81 -13.67
CA ALA A 252 5.55 -14.89 -12.64
C ALA A 252 7.08 -14.86 -12.58
N ILE A 253 7.71 -16.03 -12.73
CA ILE A 253 9.18 -16.07 -12.73
C ILE A 253 9.74 -15.32 -13.94
N ALA A 254 9.13 -15.50 -15.11
CA ALA A 254 9.67 -14.95 -16.34
C ALA A 254 9.26 -13.51 -16.61
N SER A 255 8.52 -12.88 -15.68
CA SER A 255 8.01 -11.52 -15.87
C SER A 255 8.85 -10.48 -15.14
N ASN A 256 10.17 -10.66 -15.10
CA ASN A 256 11.07 -9.70 -14.49
C ASN A 256 12.32 -9.56 -15.35
N ASN A 257 13.15 -8.59 -15.00
CA ASN A 257 14.41 -8.39 -15.71
C ASN A 257 15.31 -9.62 -15.55
N GLY A 258 15.88 -10.06 -16.66
CA GLY A 258 16.70 -11.26 -16.64
C GLY A 258 15.94 -12.52 -16.27
N GLY A 259 14.74 -12.70 -16.82
CA GLY A 259 13.95 -13.87 -16.51
C GLY A 259 14.49 -15.16 -17.10
N LYS A 260 15.28 -15.06 -18.18
CA LYS A 260 15.88 -16.25 -18.77
C LYS A 260 16.81 -16.94 -17.79
N GLN A 261 17.70 -16.17 -17.16
CA GLN A 261 18.63 -16.73 -16.20
C GLN A 261 17.90 -17.34 -15.01
N ALA A 262 16.83 -16.67 -14.56
CA ALA A 262 16.05 -17.20 -13.45
C ALA A 262 15.40 -18.53 -13.81
N LEU A 263 14.86 -18.64 -15.02
CA LEU A 263 14.24 -19.90 -15.44
C LEU A 263 15.25 -21.03 -15.50
N GLU A 264 16.42 -20.79 -16.12
CA GLU A 264 17.41 -21.86 -16.20
C GLU A 264 17.95 -22.23 -14.82
N THR A 265 18.19 -21.23 -13.97
CA THR A 265 18.69 -21.52 -12.62
C THR A 265 17.68 -22.32 -11.82
N VAL A 266 16.39 -21.98 -11.92
CA VAL A 266 15.37 -22.74 -11.21
C VAL A 266 15.34 -24.18 -11.71
N GLN A 267 15.38 -24.35 -13.04
CA GLN A 267 15.36 -25.70 -13.60
C GLN A 267 16.55 -26.52 -13.12
N ARG A 268 17.72 -25.89 -12.96
CA ARG A 268 18.90 -26.62 -12.54
C ARG A 268 19.02 -26.82 -11.04
N LEU A 269 18.38 -25.98 -10.24
CA LEU A 269 18.61 -25.98 -8.79
C LEU A 269 17.41 -26.36 -7.93
N LEU A 270 16.23 -26.59 -8.52
CA LEU A 270 15.08 -26.94 -7.68
C LEU A 270 15.27 -28.24 -6.91
N PRO A 271 15.65 -29.37 -7.51
CA PRO A 271 15.78 -30.61 -6.73
C PRO A 271 16.84 -30.55 -5.64
N VAL A 272 17.96 -29.87 -5.90
CA VAL A 272 19.05 -29.81 -4.92
C VAL A 272 18.61 -29.07 -3.67
N LEU A 273 17.95 -27.92 -3.85
CA LEU A 273 17.46 -27.17 -2.71
C LEU A 273 16.31 -27.88 -2.02
N CYS A 274 15.45 -28.56 -2.80
CA CYS A 274 14.30 -29.24 -2.22
C CYS A 274 14.65 -30.54 -1.51
N GLN A 275 15.84 -31.09 -1.75
CA GLN A 275 16.23 -32.35 -1.13
C GLN A 275 17.33 -32.23 -0.09
N ALA A 276 18.36 -31.42 -0.35
CA ALA A 276 19.50 -31.31 0.54
C ALA A 276 19.26 -30.32 1.68
N HIS A 277 18.85 -29.09 1.35
CA HIS A 277 18.68 -28.05 2.34
C HIS A 277 17.28 -28.05 2.96
N GLY A 278 16.35 -28.82 2.43
CA GLY A 278 15.02 -28.91 3.02
C GLY A 278 14.18 -27.66 2.86
N LEU A 279 13.81 -27.33 1.63
CA LEU A 279 13.01 -26.16 1.33
C LEU A 279 11.84 -26.56 0.45
N THR A 280 10.69 -25.90 0.66
CA THR A 280 9.52 -26.14 -0.15
C THR A 280 9.63 -25.42 -1.49
N PRO A 281 9.02 -25.97 -2.55
CA PRO A 281 9.09 -25.31 -3.86
C PRO A 281 8.52 -23.90 -3.88
N GLU A 282 7.49 -23.62 -3.06
CA GLU A 282 6.90 -22.30 -3.04
C GLU A 282 7.91 -21.25 -2.58
N GLN A 283 8.75 -21.59 -1.61
CA GLN A 283 9.80 -20.67 -1.17
C GLN A 283 10.80 -20.41 -2.28
N VAL A 284 11.17 -21.44 -3.04
CA VAL A 284 12.09 -21.26 -4.15
C VAL A 284 11.50 -20.33 -5.19
N VAL A 285 10.21 -20.53 -5.52
CA VAL A 285 9.56 -19.67 -6.50
C VAL A 285 9.50 -18.24 -6.00
N ALA A 286 9.22 -18.05 -4.71
CA ALA A 286 9.16 -16.70 -4.14
C ALA A 286 10.52 -16.02 -4.22
N ILE A 287 11.60 -16.75 -3.96
CA ILE A 287 12.93 -16.16 -4.07
C ILE A 287 13.24 -15.81 -5.53
N ALA A 288 12.88 -16.68 -6.47
CA ALA A 288 13.25 -16.49 -7.86
C ALA A 288 12.31 -15.56 -8.62
N SER A 289 11.23 -15.10 -7.99
CA SER A 289 10.25 -14.25 -8.67
C SER A 289 10.56 -12.76 -8.54
N HIS A 290 11.84 -12.40 -8.41
CA HIS A 290 12.25 -11.00 -8.31
C HIS A 290 13.43 -10.75 -9.24
N ASP A 291 13.81 -9.48 -9.36
CA ASP A 291 14.96 -9.12 -10.17
C ASP A 291 16.25 -9.66 -9.55
N GLY A 292 17.14 -10.18 -10.39
CA GLY A 292 18.33 -10.83 -9.89
C GLY A 292 18.02 -12.08 -9.09
N GLY A 293 17.09 -12.91 -9.57
CA GLY A 293 16.69 -14.08 -8.81
C GLY A 293 17.78 -15.13 -8.71
N LYS A 294 18.55 -15.32 -9.78
CA LYS A 294 19.57 -16.37 -9.77
C LYS A 294 20.67 -16.07 -8.76
N GLN A 295 21.04 -14.79 -8.60
CA GLN A 295 22.04 -14.44 -7.60
C GLN A 295 21.55 -14.77 -6.21
N ALA A 296 20.27 -14.46 -5.93
CA ALA A 296 19.71 -14.79 -4.63
C ALA A 296 19.67 -16.30 -4.41
N LEU A 297 19.31 -17.07 -5.44
CA LEU A 297 19.25 -18.52 -5.29
C LEU A 297 20.64 -19.10 -5.00
N GLU A 298 21.65 -18.65 -5.73
CA GLU A 298 23.01 -19.17 -5.52
C GLU A 298 23.56 -18.74 -4.15
N THR A 299 23.30 -17.49 -3.75
CA THR A 299 23.76 -17.03 -2.46
C THR A 299 23.07 -17.81 -1.33
N VAL A 300 21.79 -18.12 -1.49
CA VAL A 300 21.10 -18.92 -0.49
C VAL A 300 21.71 -20.30 -0.40
N GLN A 301 21.94 -20.95 -1.56
CA GLN A 301 22.52 -22.27 -1.56
C GLN A 301 23.91 -22.28 -0.92
N ARG A 302 24.63 -21.17 -1.01
CA ARG A 302 25.97 -21.13 -0.43
C ARG A 302 25.97 -20.76 1.06
N LEU A 303 25.09 -19.86 1.48
CA LEU A 303 25.15 -19.26 2.81
C LEU A 303 24.12 -19.81 3.79
N LEU A 304 23.24 -20.72 3.36
CA LEU A 304 22.24 -21.24 4.30
C LEU A 304 22.87 -22.04 5.44
N PRO A 305 23.76 -23.02 5.20
CA PRO A 305 24.32 -23.76 6.36
C PRO A 305 25.09 -22.90 7.33
N VAL A 306 25.86 -21.92 6.85
CA VAL A 306 26.70 -21.12 7.73
C VAL A 306 25.84 -20.19 8.59
N LEU A 307 24.86 -19.52 7.98
CA LEU A 307 24.07 -18.53 8.69
C LEU A 307 23.10 -19.16 9.68
N CYS A 308 22.81 -20.45 9.54
CA CYS A 308 21.84 -21.14 10.38
C CYS A 308 22.48 -21.99 11.47
N GLN A 309 23.81 -21.91 11.64
CA GLN A 309 24.47 -22.75 12.63
C GLN A 309 25.38 -21.91 13.51
N ALA A 310 25.89 -20.79 13.00
CA ALA A 310 26.79 -19.94 13.75
C ALA A 310 26.17 -18.63 14.21
N HIS A 311 25.07 -18.20 13.60
CA HIS A 311 24.44 -16.93 13.95
C HIS A 311 23.02 -17.07 14.44
N GLY A 312 22.47 -18.27 14.48
CA GLY A 312 21.04 -18.46 14.72
C GLY A 312 20.27 -18.40 13.41
N LEU A 313 19.31 -17.47 13.33
CA LEU A 313 18.70 -17.06 12.06
C LEU A 313 18.07 -18.27 11.35
N THR A 314 16.97 -18.75 11.95
CA THR A 314 16.16 -19.85 11.42
C THR A 314 15.89 -19.67 9.92
N PRO A 315 15.72 -20.76 9.17
CA PRO A 315 15.66 -20.64 7.70
C PRO A 315 14.56 -19.71 7.20
N GLU A 316 13.47 -19.56 7.94
CA GLU A 316 12.41 -18.64 7.50
C GLU A 316 12.93 -17.21 7.41
N GLN A 317 13.76 -16.78 8.37
CA GLN A 317 14.32 -15.44 8.32
C GLN A 317 15.28 -15.29 7.14
N VAL A 318 16.06 -16.33 6.85
CA VAL A 318 16.96 -16.28 5.70
C VAL A 318 16.18 -16.15 4.41
N VAL A 319 15.08 -16.90 4.28
CA VAL A 319 14.24 -16.79 3.09
C VAL A 319 13.62 -15.41 3.00
N ALA A 320 13.22 -14.85 4.14
CA ALA A 320 12.63 -13.50 4.13
C ALA A 320 13.64 -12.47 3.64
N ILE A 321 14.89 -12.57 4.09
CA ILE A 321 15.92 -11.65 3.60
C ILE A 321 16.21 -11.90 2.12
N ALA A 322 16.19 -13.18 1.70
CA ALA A 322 16.61 -13.52 0.34
C ALA A 322 15.69 -12.93 -0.72
N SER A 323 14.43 -12.66 -0.37
CA SER A 323 13.49 -12.06 -1.30
C SER A 323 13.87 -10.59 -1.50
N HIS A 324 13.00 -9.86 -2.22
CA HIS A 324 13.20 -8.46 -2.56
C HIS A 324 14.36 -8.29 -3.53
N ASP A 325 14.46 -7.12 -4.16
CA ASP A 325 15.56 -6.86 -5.08
C ASP A 325 16.87 -6.72 -4.34
N GLY A 326 17.93 -7.29 -4.91
CA GLY A 326 19.24 -7.25 -4.28
C GLY A 326 19.34 -8.05 -3.00
N GLY A 327 18.75 -9.25 -2.97
CA GLY A 327 18.86 -10.08 -1.78
C GLY A 327 20.26 -10.55 -1.50
N LYS A 328 21.07 -10.74 -2.54
CA LYS A 328 22.45 -11.19 -2.36
C LYS A 328 23.25 -10.18 -1.53
N GLN A 329 23.10 -8.89 -1.84
CA GLN A 329 23.82 -7.87 -1.10
C GLN A 329 23.38 -7.83 0.36
N ALA A 330 22.08 -7.96 0.61
CA ALA A 330 21.58 -7.96 1.99
C ALA A 330 22.12 -9.15 2.76
N LEU A 331 22.14 -10.34 2.14
CA LEU A 331 22.67 -11.52 2.83
C LEU A 331 24.14 -11.36 3.14
N GLU A 332 24.93 -10.87 2.18
CA GLU A 332 26.36 -10.72 2.39
C GLU A 332 26.67 -9.64 3.42
N THR A 333 25.82 -8.60 3.49
CA THR A 333 26.03 -7.56 4.50
C THR A 333 25.64 -8.05 5.89
N VAL A 334 24.56 -8.83 5.99
CA VAL A 334 24.15 -9.35 7.29
C VAL A 334 25.20 -10.30 7.84
N GLN A 335 25.72 -11.19 7.00
CA GLN A 335 26.70 -12.17 7.46
C GLN A 335 27.94 -11.52 8.04
N ARG A 336 28.23 -10.29 7.68
CA ARG A 336 29.40 -9.58 8.18
C ARG A 336 29.08 -8.64 9.33
N LEU A 337 27.95 -7.93 9.26
CA LEU A 337 27.64 -6.90 10.25
C LEU A 337 26.79 -7.38 11.42
N LEU A 338 26.36 -8.64 11.43
CA LEU A 338 25.57 -9.10 12.57
C LEU A 338 26.33 -9.06 13.90
N PRO A 339 27.54 -9.63 14.03
CA PRO A 339 28.21 -9.61 15.33
C PRO A 339 28.54 -8.21 15.84
N VAL A 340 28.98 -7.32 14.95
CA VAL A 340 29.39 -5.98 15.37
C VAL A 340 28.19 -5.20 15.88
N LEU A 341 27.08 -5.24 15.14
CA LEU A 341 25.88 -4.52 15.56
C LEU A 341 25.28 -5.13 16.83
N CYS A 342 25.35 -6.46 16.96
CA CYS A 342 24.76 -7.10 18.13
C CYS A 342 25.59 -6.91 19.39
N GLN A 343 26.91 -6.80 19.27
CA GLN A 343 27.78 -6.75 20.43
C GLN A 343 28.19 -5.34 20.84
N ALA A 344 28.35 -4.41 19.89
CA ALA A 344 28.83 -3.07 20.23
C ALA A 344 27.68 -2.10 20.51
N HIS A 345 26.78 -1.93 19.55
CA HIS A 345 25.68 -0.99 19.71
C HIS A 345 24.52 -1.56 20.52
N GLY A 346 24.49 -2.88 20.75
CA GLY A 346 23.43 -3.48 21.53
C GLY A 346 22.11 -3.57 20.80
N LEU A 347 22.10 -4.29 19.69
CA LEU A 347 20.90 -4.45 18.86
C LEU A 347 20.49 -5.90 18.82
N THR A 348 19.22 -6.16 19.06
CA THR A 348 18.70 -7.52 19.05
C THR A 348 18.67 -8.06 17.62
N PRO A 349 19.05 -9.33 17.42
CA PRO A 349 19.17 -9.86 16.05
C PRO A 349 17.90 -9.73 15.20
N GLU A 350 16.72 -9.90 15.80
CA GLU A 350 15.48 -9.69 15.05
C GLU A 350 15.35 -8.26 14.56
N GLN A 351 15.91 -7.29 15.27
CA GLN A 351 15.91 -5.92 14.76
C GLN A 351 16.75 -5.80 13.51
N VAL A 352 17.91 -6.46 13.48
CA VAL A 352 18.74 -6.47 12.28
C VAL A 352 18.02 -7.16 11.13
N VAL A 353 17.33 -8.27 11.42
CA VAL A 353 16.57 -8.98 10.39
C VAL A 353 15.48 -8.07 9.82
N ALA A 354 14.77 -7.35 10.69
CA ALA A 354 13.73 -6.43 10.24
C ALA A 354 14.32 -5.31 9.38
N ILE A 355 15.48 -4.80 9.76
CA ILE A 355 16.12 -3.75 8.97
C ILE A 355 16.50 -4.26 7.59
N ALA A 356 17.05 -5.48 7.53
CA ALA A 356 17.60 -5.99 6.28
C ALA A 356 16.56 -6.58 5.34
N SER A 357 15.30 -6.72 5.77
CA SER A 357 14.26 -7.33 4.95
C SER A 357 13.50 -6.28 4.15
N ASN A 358 14.23 -5.43 3.42
CA ASN A 358 13.63 -4.41 2.57
C ASN A 358 14.56 -4.13 1.41
N GLY A 359 14.01 -3.48 0.38
CA GLY A 359 14.80 -3.05 -0.76
C GLY A 359 15.90 -2.09 -0.35
N GLY A 360 17.12 -2.36 -0.79
CA GLY A 360 18.26 -1.56 -0.38
C GLY A 360 18.59 -1.67 1.10
N GLY A 361 18.52 -2.88 1.66
CA GLY A 361 18.80 -3.06 3.07
C GLY A 361 20.27 -2.90 3.44
N LYS A 362 21.17 -3.12 2.48
CA LYS A 362 22.60 -2.95 2.74
C LYS A 362 22.92 -1.50 3.09
N GLN A 363 22.37 -0.56 2.32
CA GLN A 363 22.60 0.85 2.60
C GLN A 363 22.02 1.24 3.96
N ALA A 364 20.84 0.70 4.29
CA ALA A 364 20.23 1.00 5.58
C ALA A 364 21.07 0.48 6.73
N LEU A 365 21.62 -0.73 6.60
CA LEU A 365 22.47 -1.27 7.66
C LEU A 365 23.73 -0.45 7.85
N GLU A 366 24.38 -0.07 6.74
CA GLU A 366 25.60 0.74 6.85
C GLU A 366 25.30 2.12 7.44
N THR A 367 24.19 2.73 7.02
CA THR A 367 23.82 4.04 7.57
C THR A 367 23.50 3.95 9.05
N VAL A 368 22.81 2.89 9.48
CA VAL A 368 22.51 2.72 10.90
C VAL A 368 23.80 2.60 11.69
N GLN A 369 24.73 1.76 11.22
CA GLN A 369 25.99 1.58 11.94
C GLN A 369 26.76 2.88 12.03
N ARG A 370 26.75 3.69 10.97
CA ARG A 370 27.51 4.93 11.00
C ARG A 370 26.84 6.01 11.84
N LEU A 371 25.50 6.09 11.82
CA LEU A 371 24.78 7.23 12.37
C LEU A 371 24.13 6.97 13.72
N LEU A 372 24.23 5.76 14.29
CA LEU A 372 23.60 5.52 15.59
C LEU A 372 24.18 6.37 16.71
N PRO A 373 25.50 6.46 16.92
CA PRO A 373 26.00 7.23 18.07
C PRO A 373 25.63 8.71 18.02
N VAL A 374 25.70 9.34 16.84
CA VAL A 374 25.41 10.77 16.75
C VAL A 374 23.94 11.03 17.05
N LEU A 375 23.04 10.22 16.49
CA LEU A 375 21.62 10.43 16.72
C LEU A 375 21.23 10.11 18.16
N CYS A 376 21.90 9.15 18.80
CA CYS A 376 21.57 8.76 20.16
C CYS A 376 22.32 9.54 21.23
N GLN A 377 23.27 10.39 20.85
CA GLN A 377 24.01 11.18 21.83
C GLN A 377 24.10 12.67 21.49
N ALA A 378 23.41 13.13 20.45
CA ALA A 378 23.40 14.55 20.12
C ALA A 378 22.01 15.08 19.78
N HIS A 379 20.99 14.24 19.77
CA HIS A 379 19.63 14.70 19.49
C HIS A 379 18.59 14.10 20.41
N GLY A 380 18.97 13.20 21.31
CA GLY A 380 18.04 12.62 22.25
C GLY A 380 17.02 11.69 21.62
N LEU A 381 17.49 10.60 21.02
CA LEU A 381 16.61 9.62 20.41
C LEU A 381 17.00 8.23 20.90
N THR A 382 15.99 7.41 21.19
CA THR A 382 16.22 6.05 21.63
C THR A 382 16.58 5.15 20.45
N PRO A 383 17.30 4.06 20.69
CA PRO A 383 17.62 3.13 19.59
C PRO A 383 16.40 2.56 18.90
N GLU A 384 15.29 2.38 19.62
CA GLU A 384 14.08 1.85 19.00
C GLU A 384 13.55 2.79 17.92
N GLN A 385 13.61 4.10 18.17
CA GLN A 385 13.16 5.06 17.18
C GLN A 385 14.03 5.02 15.93
N VAL A 386 15.35 4.89 16.10
CA VAL A 386 16.24 4.80 14.95
C VAL A 386 15.98 3.53 14.17
N VAL A 387 15.71 2.42 14.87
CA VAL A 387 15.38 1.18 14.17
C VAL A 387 14.08 1.35 13.39
N ALA A 388 13.09 2.00 13.98
CA ALA A 388 11.82 2.23 13.30
C ALA A 388 11.99 3.08 12.05
N ILE A 389 12.86 4.10 12.12
CA ILE A 389 13.08 4.96 10.97
C ILE A 389 13.68 4.17 9.80
N ALA A 390 14.66 3.32 10.09
CA ALA A 390 15.41 2.62 9.06
C ALA A 390 14.85 1.24 8.74
N SER A 391 13.55 1.04 8.90
CA SER A 391 12.90 -0.23 8.59
C SER A 391 11.90 -0.09 7.45
N ASN A 392 12.22 0.78 6.49
CA ASN A 392 11.35 1.01 5.34
C ASN A 392 12.21 1.11 4.09
N ILE A 393 11.57 1.39 2.97
CA ILE A 393 12.28 1.57 1.70
C ILE A 393 12.84 2.99 1.68
N GLY A 394 14.15 3.10 1.52
CA GLY A 394 14.80 4.40 1.56
C GLY A 394 15.14 4.90 2.95
N GLY A 395 15.49 4.00 3.86
CA GLY A 395 15.78 4.42 5.23
C GLY A 395 17.02 5.29 5.36
N LYS A 396 17.98 5.10 4.45
CA LYS A 396 19.20 5.91 4.48
C LYS A 396 18.90 7.39 4.26
N GLN A 397 18.06 7.68 3.26
CA GLN A 397 17.69 9.07 2.99
C GLN A 397 16.90 9.66 4.16
N ALA A 398 16.01 8.86 4.75
CA ALA A 398 15.24 9.33 5.89
C ALA A 398 16.14 9.65 7.08
N LEU A 399 17.13 8.78 7.34
CA LEU A 399 18.04 9.03 8.45
C LEU A 399 18.85 10.30 8.24
N GLU A 400 19.41 10.49 7.03
CA GLU A 400 20.18 11.70 6.78
C GLU A 400 19.30 12.94 6.86
N THR A 401 18.07 12.87 6.31
CA THR A 401 17.18 14.02 6.33
C THR A 401 16.77 14.38 7.75
N VAL A 402 16.46 13.37 8.58
CA VAL A 402 16.07 13.69 9.95
C VAL A 402 17.25 14.24 10.73
N GLN A 403 18.46 13.73 10.49
CA GLN A 403 19.63 14.27 11.18
C GLN A 403 19.85 15.73 10.79
N ARG A 404 19.63 16.07 9.53
CA ARG A 404 19.85 17.45 9.10
C ARG A 404 18.74 18.39 9.58
N LEU A 405 17.49 17.92 9.60
CA LEU A 405 16.33 18.79 9.76
C LEU A 405 15.67 18.72 11.14
N LEU A 406 16.19 17.93 12.08
CA LEU A 406 15.56 17.89 13.40
C LEU A 406 15.59 19.23 14.14
N PRO A 407 16.74 19.91 14.30
CA PRO A 407 16.72 21.17 15.06
C PRO A 407 15.90 22.26 14.41
N VAL A 408 15.89 22.35 13.08
CA VAL A 408 15.15 23.41 12.40
C VAL A 408 13.66 23.24 12.63
N LEU A 409 13.16 22.02 12.46
CA LEU A 409 11.74 21.77 12.68
C LEU A 409 11.38 21.89 14.16
N CYS A 410 12.29 21.50 15.05
CA CYS A 410 12.00 21.57 16.49
C CYS A 410 12.10 22.97 17.06
N GLN A 411 12.75 23.91 16.37
CA GLN A 411 12.90 25.27 16.88
C GLN A 411 12.05 26.29 16.12
N ALA A 412 12.08 26.27 14.79
CA ALA A 412 11.40 27.30 14.02
C ALA A 412 9.88 27.12 14.07
N HIS A 413 9.41 25.87 14.05
CA HIS A 413 7.99 25.59 13.97
C HIS A 413 7.41 24.98 15.23
N GLY A 414 8.23 24.74 16.25
CA GLY A 414 7.73 24.24 17.53
C GLY A 414 7.10 22.86 17.46
N LEU A 415 7.79 21.92 16.81
CA LEU A 415 7.31 20.54 16.69
C LEU A 415 8.12 19.64 17.62
N THR A 416 7.43 18.79 18.37
CA THR A 416 8.10 17.87 19.27
C THR A 416 8.83 16.78 18.48
N PRO A 417 9.93 16.24 19.01
CA PRO A 417 10.67 15.21 18.28
C PRO A 417 9.84 13.98 17.94
N GLU A 418 8.84 13.64 18.74
CA GLU A 418 8.01 12.48 18.45
C GLU A 418 7.25 12.67 17.14
N GLN A 419 6.77 13.89 16.88
CA GLN A 419 6.07 14.17 15.63
C GLN A 419 7.01 14.03 14.43
N VAL A 420 8.25 14.50 14.58
CA VAL A 420 9.21 14.35 13.49
C VAL A 420 9.55 12.89 13.26
N VAL A 421 9.66 12.10 14.33
CA VAL A 421 9.91 10.67 14.17
C VAL A 421 8.75 10.00 13.44
N ALA A 422 7.52 10.38 13.81
CA ALA A 422 6.34 9.82 13.14
C ALA A 422 6.33 10.16 11.65
N ILE A 423 6.68 11.40 11.31
CA ILE A 423 6.71 11.78 9.89
C ILE A 423 7.84 11.04 9.16
N ALA A 424 9.00 10.92 9.79
CA ALA A 424 10.18 10.39 9.11
C ALA A 424 10.05 8.91 8.75
N SER A 425 9.12 8.20 9.38
CA SER A 425 8.93 6.79 9.07
C SER A 425 8.19 6.66 7.74
N ASN A 426 7.74 5.44 7.42
CA ASN A 426 7.03 5.13 6.18
C ASN A 426 7.95 5.03 4.98
N ASN A 427 7.40 5.15 3.78
CA ASN A 427 8.20 5.10 2.56
C ASN A 427 8.14 6.56 2.12
N GLY A 428 9.27 7.06 1.64
CA GLY A 428 9.37 8.45 1.25
C GLY A 428 9.22 9.44 2.39
N GLY A 429 9.79 9.13 3.55
CA GLY A 429 9.73 10.04 4.67
C GLY A 429 10.46 11.34 4.44
N LYS A 430 11.56 11.30 3.68
CA LYS A 430 12.34 12.51 3.40
C LYS A 430 11.50 13.54 2.66
N GLN A 431 10.76 13.11 1.64
CA GLN A 431 9.93 14.03 0.87
C GLN A 431 8.85 14.64 1.76
N ALA A 432 8.26 13.84 2.65
CA ALA A 432 7.27 14.37 3.58
C ALA A 432 7.87 15.38 4.53
N LEU A 433 9.11 15.16 4.98
CA LEU A 433 9.75 16.12 5.88
C LEU A 433 10.00 17.46 5.19
N GLU A 434 10.56 17.43 3.98
CA GLU A 434 10.79 18.69 3.27
C GLU A 434 9.47 19.38 2.92
N THR A 435 8.45 18.60 2.53
CA THR A 435 7.16 19.20 2.21
C THR A 435 6.55 19.86 3.44
N VAL A 436 6.65 19.22 4.61
CA VAL A 436 6.12 19.82 5.82
C VAL A 436 6.86 21.13 6.13
N GLN A 437 8.18 21.11 6.03
CA GLN A 437 8.95 22.32 6.31
C GLN A 437 8.57 23.45 5.38
N ARG A 438 8.32 23.14 4.10
CA ARG A 438 7.98 24.18 3.14
C ARG A 438 6.55 24.68 3.31
N LEU A 439 5.60 23.79 3.61
CA LEU A 439 4.18 24.10 3.49
C LEU A 439 3.46 24.32 4.82
N LEU A 440 4.14 24.19 5.96
CA LEU A 440 3.46 24.47 7.22
C LEU A 440 2.97 25.91 7.33
N PRO A 441 3.81 26.94 7.09
CA PRO A 441 3.30 28.31 7.20
C PRO A 441 2.17 28.63 6.22
N VAL A 442 2.22 28.07 5.01
CA VAL A 442 1.19 28.38 4.02
C VAL A 442 -0.17 27.85 4.46
N LEU A 443 -0.20 26.60 4.94
CA LEU A 443 -1.47 25.99 5.33
C LEU A 443 -1.95 26.47 6.70
N CYS A 444 -1.05 26.92 7.57
CA CYS A 444 -1.44 27.26 8.94
C CYS A 444 -2.05 28.64 9.09
N GLN A 445 -1.93 29.52 8.09
CA GLN A 445 -2.48 30.86 8.18
C GLN A 445 -3.53 31.18 7.13
N ALA A 446 -3.46 30.57 5.94
CA ALA A 446 -4.41 30.87 4.88
C ALA A 446 -5.64 29.98 4.94
N HIS A 447 -5.44 28.66 4.87
CA HIS A 447 -6.56 27.73 4.88
C HIS A 447 -7.14 27.52 6.27
N GLY A 448 -6.37 27.79 7.32
CA GLY A 448 -6.89 27.73 8.67
C GLY A 448 -6.64 26.45 9.43
N LEU A 449 -5.86 25.52 8.88
CA LEU A 449 -5.61 24.26 9.56
C LEU A 449 -4.65 24.44 10.73
N THR A 450 -4.80 23.59 11.73
CA THR A 450 -3.92 23.53 12.89
C THR A 450 -2.69 22.68 12.58
N PRO A 451 -1.58 22.89 13.30
CA PRO A 451 -0.38 22.08 13.05
C PRO A 451 -0.61 20.59 13.24
N GLU A 452 -1.46 20.21 14.20
CA GLU A 452 -1.72 18.78 14.42
C GLU A 452 -2.38 18.14 13.21
N GLN A 453 -3.29 18.87 12.55
CA GLN A 453 -3.95 18.32 11.37
C GLN A 453 -2.96 18.13 10.22
N VAL A 454 -2.04 19.06 10.04
CA VAL A 454 -1.01 18.90 9.00
C VAL A 454 -0.11 17.72 9.33
N VAL A 455 0.29 17.58 10.60
CA VAL A 455 1.13 16.45 10.99
C VAL A 455 0.40 15.13 10.73
N ALA A 456 -0.89 15.07 11.07
CA ALA A 456 -1.67 13.86 10.83
C ALA A 456 -1.76 13.55 9.34
N ILE A 457 -1.92 14.57 8.51
CA ILE A 457 -1.96 14.35 7.07
C ILE A 457 -0.62 13.81 6.58
N ALA A 458 0.48 14.37 7.06
CA ALA A 458 1.80 14.02 6.55
C ALA A 458 2.34 12.70 7.11
N SER A 459 1.74 12.15 8.16
CA SER A 459 2.25 10.94 8.80
C SER A 459 1.67 9.68 8.15
N HIS A 460 1.79 9.59 6.83
CA HIS A 460 1.28 8.44 6.08
C HIS A 460 2.07 8.33 4.78
N ASP A 461 1.96 7.19 4.13
CA ASP A 461 2.63 6.97 2.86
C ASP A 461 2.08 7.93 1.81
N GLY A 462 3.00 8.51 1.04
CA GLY A 462 2.61 9.53 0.08
C GLY A 462 2.08 10.80 0.70
N GLY A 463 2.69 11.26 1.78
CA GLY A 463 2.22 12.46 2.45
C GLY A 463 2.36 13.72 1.63
N LYS A 464 3.41 13.80 0.81
CA LYS A 464 3.63 15.00 0.00
C LYS A 464 2.50 15.20 -1.00
N GLN A 465 2.06 14.13 -1.66
CA GLN A 465 0.96 14.23 -2.61
C GLN A 465 -0.32 14.66 -1.91
N ALA A 466 -0.58 14.11 -0.71
CA ALA A 466 -1.78 14.48 0.03
C ALA A 466 -1.76 15.95 0.43
N LEU A 467 -0.61 16.45 0.88
CA LEU A 467 -0.51 17.85 1.28
C LEU A 467 -0.72 18.77 0.08
N GLU A 468 -0.09 18.46 -1.05
CA GLU A 468 -0.26 19.31 -2.23
C GLU A 468 -1.70 19.27 -2.75
N THR A 469 -2.32 18.08 -2.76
CA THR A 469 -3.70 17.97 -3.22
C THR A 469 -4.65 18.71 -2.29
N VAL A 470 -4.40 18.66 -0.98
CA VAL A 470 -5.24 19.42 -0.05
C VAL A 470 -5.11 20.90 -0.30
N GLN A 471 -3.87 21.39 -0.45
CA GLN A 471 -3.65 22.82 -0.69
C GLN A 471 -4.30 23.27 -1.99
N ARG A 472 -4.43 22.37 -2.97
CA ARG A 472 -5.03 22.73 -4.24
C ARG A 472 -6.55 22.56 -4.28
N LEU A 473 -7.11 21.62 -3.52
CA LEU A 473 -8.51 21.23 -3.66
C LEU A 473 -9.38 21.58 -2.45
N LEU A 474 -8.83 22.20 -1.40
CA LEU A 474 -9.67 22.53 -0.25
C LEU A 474 -10.79 23.50 -0.58
N PRO A 475 -10.56 24.66 -1.22
CA PRO A 475 -11.66 25.61 -1.42
C PRO A 475 -12.79 25.09 -2.30
N VAL A 476 -12.46 24.37 -3.38
CA VAL A 476 -13.50 23.91 -4.29
C VAL A 476 -14.40 22.88 -3.61
N LEU A 477 -13.81 21.92 -2.89
CA LEU A 477 -14.62 20.93 -2.19
C LEU A 477 -15.39 21.54 -1.02
N CYS A 478 -14.82 22.56 -0.37
CA CYS A 478 -15.46 23.16 0.78
C CYS A 478 -16.46 24.27 0.42
N GLN A 479 -16.53 24.66 -0.86
CA GLN A 479 -17.47 25.70 -1.27
C GLN A 479 -18.49 25.24 -2.29
N ALA A 480 -18.09 24.44 -3.28
CA ALA A 480 -18.99 24.04 -4.35
C ALA A 480 -19.74 22.75 -4.06
N HIS A 481 -19.43 22.06 -2.96
CA HIS A 481 -20.08 20.80 -2.64
C HIS A 481 -20.60 20.72 -1.21
N GLY A 482 -20.32 21.73 -0.37
CA GLY A 482 -20.85 21.75 0.97
C GLY A 482 -20.06 20.97 2.01
N LEU A 483 -18.93 20.38 1.62
CA LEU A 483 -18.11 19.63 2.57
C LEU A 483 -17.43 20.58 3.55
N THR A 484 -17.10 20.04 4.73
CA THR A 484 -16.39 20.76 5.79
C THR A 484 -14.91 20.38 5.76
N PRO A 485 -14.02 21.28 6.21
CA PRO A 485 -12.58 20.97 6.19
C PRO A 485 -12.21 19.73 6.99
N GLU A 486 -12.91 19.45 8.09
CA GLU A 486 -12.61 18.28 8.89
C GLU A 486 -12.84 17.00 8.09
N GLN A 487 -13.90 16.95 7.29
CA GLN A 487 -14.15 15.78 6.46
C GLN A 487 -13.07 15.62 5.40
N VAL A 488 -12.58 16.73 4.84
CA VAL A 488 -11.49 16.65 3.86
C VAL A 488 -10.23 16.11 4.52
N VAL A 489 -9.91 16.58 5.73
CA VAL A 489 -8.73 16.07 6.42
C VAL A 489 -8.89 14.60 6.73
N ALA A 490 -10.10 14.17 7.11
CA ALA A 490 -10.34 12.76 7.38
C ALA A 490 -10.14 11.91 6.12
N ILE A 491 -10.60 12.41 4.97
CA ILE A 491 -10.39 11.69 3.72
C ILE A 491 -8.91 11.60 3.39
N ALA A 492 -8.18 12.71 3.54
CA ALA A 492 -6.78 12.76 3.14
C ALA A 492 -5.83 12.14 4.15
N SER A 493 -6.32 11.76 5.33
CA SER A 493 -5.43 11.23 6.37
C SER A 493 -4.80 9.89 5.95
N HIS A 494 -5.59 9.01 5.36
CA HIS A 494 -5.12 7.65 5.08
C HIS A 494 -4.21 7.62 3.84
N ASP A 495 -3.66 6.44 3.57
CA ASP A 495 -2.79 6.25 2.42
C ASP A 495 -3.58 6.43 1.12
N GLY A 496 -2.90 6.93 0.10
CA GLY A 496 -3.56 7.21 -1.17
C GLY A 496 -4.60 8.30 -1.07
N GLY A 497 -4.32 9.36 -0.31
CA GLY A 497 -5.29 10.42 -0.13
C GLY A 497 -5.59 11.20 -1.39
N LYS A 498 -4.58 11.36 -2.26
CA LYS A 498 -4.78 12.11 -3.50
C LYS A 498 -5.83 11.45 -4.38
N GLN A 499 -5.75 10.13 -4.56
CA GLN A 499 -6.72 9.42 -5.38
C GLN A 499 -8.11 9.51 -4.77
N ALA A 500 -8.21 9.37 -3.45
CA ALA A 500 -9.51 9.45 -2.79
C ALA A 500 -10.14 10.84 -2.96
N LEU A 501 -9.34 11.89 -2.81
CA LEU A 501 -9.86 13.25 -2.94
C LEU A 501 -10.32 13.52 -4.38
N GLU A 502 -9.50 13.14 -5.36
CA GLU A 502 -9.87 13.36 -6.76
C GLU A 502 -11.11 12.57 -7.13
N THR A 503 -11.20 11.32 -6.68
CA THR A 503 -12.38 10.50 -6.98
C THR A 503 -13.62 11.07 -6.30
N VAL A 504 -13.49 11.58 -5.08
CA VAL A 504 -14.63 12.18 -4.40
C VAL A 504 -15.13 13.38 -5.19
N GLN A 505 -14.21 14.25 -5.61
CA GLN A 505 -14.60 15.43 -6.36
C GLN A 505 -15.28 15.04 -7.68
N ARG A 506 -14.77 14.00 -8.34
CA ARG A 506 -15.31 13.61 -9.63
C ARG A 506 -16.65 12.91 -9.52
N LEU A 507 -16.87 12.13 -8.46
CA LEU A 507 -17.99 11.21 -8.39
C LEU A 507 -19.09 11.59 -7.40
N LEU A 508 -18.91 12.63 -6.59
CA LEU A 508 -19.95 12.98 -5.62
C LEU A 508 -21.28 13.35 -6.26
N PRO A 509 -21.35 14.26 -7.23
CA PRO A 509 -22.67 14.61 -7.80
C PRO A 509 -23.38 13.44 -8.46
N VAL A 510 -22.66 12.56 -9.15
CA VAL A 510 -23.31 11.45 -9.85
C VAL A 510 -23.94 10.49 -8.86
N LEU A 511 -23.19 10.11 -7.82
CA LEU A 511 -23.73 9.21 -6.80
C LEU A 511 -24.87 9.86 -6.02
N CYS A 512 -24.76 11.17 -5.75
CA CYS A 512 -25.80 11.84 -4.97
C CYS A 512 -27.09 12.02 -5.76
N GLN A 513 -27.00 12.22 -7.08
CA GLN A 513 -28.19 12.54 -7.86
C GLN A 513 -28.79 11.34 -8.59
N ALA A 514 -27.99 10.31 -8.90
CA ALA A 514 -28.47 9.18 -9.67
C ALA A 514 -28.66 7.91 -8.84
N HIS A 515 -28.19 7.89 -7.60
CA HIS A 515 -28.30 6.70 -6.76
C HIS A 515 -28.87 6.97 -5.38
N GLY A 516 -29.23 8.22 -5.07
CA GLY A 516 -29.84 8.54 -3.80
C GLY A 516 -28.97 8.30 -2.58
N LEU A 517 -27.72 8.76 -2.64
CA LEU A 517 -26.78 8.62 -1.54
C LEU A 517 -26.46 10.00 -0.97
N THR A 518 -26.51 10.11 0.36
CA THR A 518 -26.16 11.35 1.02
C THR A 518 -24.65 11.56 1.01
N PRO A 519 -24.20 12.82 1.12
CA PRO A 519 -22.76 13.08 1.12
C PRO A 519 -22.01 12.39 2.25
N GLU A 520 -22.65 12.20 3.41
CA GLU A 520 -21.98 11.55 4.52
C GLU A 520 -21.62 10.10 4.18
N GLN A 521 -22.50 9.41 3.45
CA GLN A 521 -22.19 8.03 3.05
C GLN A 521 -21.02 7.99 2.09
N VAL A 522 -20.95 8.95 1.16
CA VAL A 522 -19.82 9.01 0.23
C VAL A 522 -18.53 9.27 0.99
N VAL A 523 -18.57 10.18 1.96
CA VAL A 523 -17.37 10.45 2.76
C VAL A 523 -16.96 9.22 3.54
N ALA A 524 -17.93 8.49 4.11
CA ALA A 524 -17.62 7.29 4.89
C ALA A 524 -16.98 6.22 4.02
N ILE A 525 -17.48 6.04 2.79
CA ILE A 525 -16.89 5.03 1.91
C ILE A 525 -15.46 5.39 1.55
N ALA A 526 -15.19 6.66 1.25
CA ALA A 526 -13.90 7.11 0.74
C ALA A 526 -12.94 7.56 1.83
N SER A 527 -13.06 7.04 3.04
CA SER A 527 -12.18 7.37 4.15
C SER A 527 -11.47 6.13 4.68
N ASN A 528 -11.04 5.25 3.78
CA ASN A 528 -10.34 4.03 4.14
C ASN A 528 -9.24 3.78 3.14
N ASN A 529 -8.44 2.75 3.40
CA ASN A 529 -7.37 2.36 2.49
C ASN A 529 -7.99 1.83 1.20
N GLY A 530 -7.63 2.44 0.07
CA GLY A 530 -8.25 2.08 -1.19
C GLY A 530 -9.66 2.60 -1.37
N GLY A 531 -9.91 3.86 -1.00
CA GLY A 531 -11.25 4.40 -1.09
C GLY A 531 -11.77 4.53 -2.51
N LYS A 532 -10.89 4.88 -3.45
CA LYS A 532 -11.32 5.09 -4.82
C LYS A 532 -11.85 3.80 -5.45
N GLN A 533 -11.21 2.67 -5.16
CA GLN A 533 -11.68 1.40 -5.70
C GLN A 533 -13.07 1.09 -5.15
N ALA A 534 -13.30 1.37 -3.87
CA ALA A 534 -14.62 1.15 -3.28
C ALA A 534 -15.66 2.05 -3.93
N LEU A 535 -15.31 3.31 -4.20
CA LEU A 535 -16.26 4.23 -4.83
C LEU A 535 -16.66 3.75 -6.22
N GLU A 536 -15.67 3.41 -7.05
CA GLU A 536 -15.99 2.96 -8.41
C GLU A 536 -16.74 1.64 -8.39
N THR A 537 -16.35 0.71 -7.51
CA THR A 537 -17.07 -0.56 -7.42
C THR A 537 -18.50 -0.35 -6.96
N VAL A 538 -18.73 0.56 -6.02
CA VAL A 538 -20.09 0.84 -5.59
C VAL A 538 -20.91 1.40 -6.74
N GLN A 539 -20.34 2.35 -7.49
CA GLN A 539 -21.06 2.92 -8.62
C GLN A 539 -21.42 1.85 -9.64
N ARG A 540 -20.50 0.92 -9.90
CA ARG A 540 -20.77 -0.10 -10.91
C ARG A 540 -21.76 -1.15 -10.42
N LEU A 541 -21.65 -1.57 -9.16
CA LEU A 541 -22.36 -2.73 -8.64
C LEU A 541 -23.64 -2.41 -7.90
N LEU A 542 -23.97 -1.14 -7.66
CA LEU A 542 -25.20 -0.83 -6.93
C LEU A 542 -26.46 -1.28 -7.67
N PRO A 543 -26.67 -0.95 -8.95
CA PRO A 543 -27.92 -1.36 -9.59
C PRO A 543 -28.12 -2.87 -9.69
N VAL A 544 -27.05 -3.63 -9.95
CA VAL A 544 -27.19 -5.08 -10.11
C VAL A 544 -27.46 -5.74 -8.76
N LEU A 545 -26.78 -5.31 -7.71
CA LEU A 545 -26.95 -5.94 -6.40
C LEU A 545 -28.27 -5.55 -5.74
N CYS A 546 -28.94 -4.51 -6.24
CA CYS A 546 -30.21 -4.07 -5.68
C CYS A 546 -31.41 -4.47 -6.52
N GLN A 547 -31.19 -5.14 -7.66
CA GLN A 547 -32.27 -5.58 -8.53
C GLN A 547 -32.34 -7.10 -8.65
N ALA A 548 -31.23 -7.74 -9.01
CA ALA A 548 -31.22 -9.20 -9.12
C ALA A 548 -31.46 -9.86 -7.76
N HIS A 549 -30.84 -9.32 -6.71
CA HIS A 549 -31.00 -9.82 -5.35
C HIS A 549 -31.51 -8.71 -4.46
N GLY A 550 -32.41 -9.04 -3.54
CA GLY A 550 -32.95 -8.05 -2.64
C GLY A 550 -31.85 -7.54 -1.74
N LEU A 551 -31.57 -6.25 -1.81
CA LEU A 551 -30.51 -5.65 -1.01
C LEU A 551 -30.74 -4.14 -1.01
N THR A 552 -30.94 -3.58 0.18
CA THR A 552 -31.13 -2.14 0.29
C THR A 552 -29.78 -1.42 0.14
N PRO A 553 -29.80 -0.15 -0.29
CA PRO A 553 -28.55 0.59 -0.43
C PRO A 553 -27.76 0.71 0.85
N GLU A 554 -28.43 0.73 2.00
CA GLU A 554 -27.73 0.83 3.27
C GLU A 554 -26.84 -0.39 3.51
N GLN A 555 -27.32 -1.57 3.13
CA GLN A 555 -26.52 -2.78 3.30
C GLN A 555 -25.28 -2.76 2.41
N VAL A 556 -25.43 -2.25 1.18
CA VAL A 556 -24.28 -2.12 0.29
C VAL A 556 -23.27 -1.13 0.86
N VAL A 557 -23.77 -0.01 1.41
CA VAL A 557 -22.87 0.97 2.01
C VAL A 557 -22.13 0.37 3.19
N ALA A 558 -22.84 -0.41 4.02
CA ALA A 558 -22.20 -1.06 5.16
C ALA A 558 -21.13 -2.04 4.71
N ILE A 559 -21.39 -2.78 3.63
CA ILE A 559 -20.39 -3.70 3.11
C ILE A 559 -19.16 -2.94 2.61
N ALA A 560 -19.39 -1.83 1.91
CA ALA A 560 -18.30 -1.09 1.27
C ALA A 560 -17.54 -0.18 2.22
N SER A 561 -18.09 0.12 3.40
CA SER A 561 -17.45 1.06 4.33
C SER A 561 -16.42 0.37 5.22
N ASN A 562 -15.48 -0.34 4.61
CA ASN A 562 -14.42 -1.02 5.34
C ASN A 562 -13.21 -1.17 4.44
N GLY A 563 -12.06 -1.44 5.06
CA GLY A 563 -10.83 -1.64 4.32
C GLY A 563 -11.08 -2.82 3.42
N GLY A 564 -10.73 -2.76 2.18
CA GLY A 564 -11.04 -3.79 1.22
C GLY A 564 -12.48 -4.11 0.85
N GLY A 565 -13.31 -3.07 0.70
CA GLY A 565 -14.71 -3.27 0.38
C GLY A 565 -14.96 -3.74 -1.04
N LYS A 566 -14.05 -3.45 -1.97
CA LYS A 566 -14.22 -3.90 -3.34
C LYS A 566 -14.22 -5.43 -3.43
N GLN A 567 -13.28 -6.06 -2.74
CA GLN A 567 -13.23 -7.52 -2.75
C GLN A 567 -14.45 -8.11 -2.06
N ALA A 568 -14.90 -7.48 -0.98
CA ALA A 568 -16.10 -7.96 -0.29
C ALA A 568 -17.32 -7.88 -1.18
N LEU A 569 -17.48 -6.77 -1.91
CA LEU A 569 -18.62 -6.64 -2.82
C LEU A 569 -18.57 -7.67 -3.94
N GLU A 570 -17.40 -7.86 -4.55
CA GLU A 570 -17.28 -8.83 -5.63
C GLU A 570 -17.56 -10.25 -5.13
N THR A 571 -17.01 -10.60 -3.96
CA THR A 571 -17.22 -11.94 -3.42
C THR A 571 -18.68 -12.15 -3.03
N VAL A 572 -19.34 -11.12 -2.50
CA VAL A 572 -20.75 -11.25 -2.18
C VAL A 572 -21.56 -11.49 -3.45
N GLN A 573 -21.30 -10.70 -4.49
CA GLN A 573 -22.04 -10.86 -5.74
C GLN A 573 -21.81 -12.23 -6.37
N ARG A 574 -20.63 -12.81 -6.14
CA ARG A 574 -20.34 -14.11 -6.73
C ARG A 574 -20.85 -15.28 -5.90
N LEU A 575 -20.85 -15.16 -4.57
CA LEU A 575 -21.15 -16.28 -3.69
C LEU A 575 -22.53 -16.22 -3.03
N LEU A 576 -23.33 -15.18 -3.30
CA LEU A 576 -24.66 -15.13 -2.68
C LEU A 576 -25.56 -16.28 -3.10
N PRO A 577 -25.75 -16.58 -4.39
CA PRO A 577 -26.73 -17.61 -4.74
C PRO A 577 -26.36 -19.00 -4.26
N VAL A 578 -25.09 -19.41 -4.39
CA VAL A 578 -24.71 -20.76 -4.02
C VAL A 578 -24.81 -20.98 -2.52
N LEU A 579 -24.38 -19.99 -1.73
CA LEU A 579 -24.48 -20.12 -0.28
C LEU A 579 -25.92 -20.06 0.18
N CYS A 580 -26.75 -19.21 -0.46
CA CYS A 580 -28.13 -19.09 -0.05
C CYS A 580 -28.95 -20.34 -0.39
N GLN A 581 -28.65 -20.97 -1.53
CA GLN A 581 -29.46 -22.09 -1.99
C GLN A 581 -28.94 -23.44 -1.50
N ALA A 582 -27.64 -23.69 -1.63
CA ALA A 582 -27.09 -25.01 -1.35
C ALA A 582 -26.79 -25.24 0.13
N HIS A 583 -26.85 -24.20 0.96
CA HIS A 583 -26.53 -24.34 2.37
C HIS A 583 -27.63 -23.85 3.32
N GLY A 584 -28.49 -22.94 2.89
CA GLY A 584 -29.61 -22.52 3.71
C GLY A 584 -29.30 -21.40 4.68
N LEU A 585 -28.81 -20.27 4.16
CA LEU A 585 -28.54 -19.09 4.97
C LEU A 585 -29.29 -17.89 4.39
N THR A 586 -29.87 -17.09 5.28
CA THR A 586 -30.54 -15.87 4.88
C THR A 586 -29.50 -14.86 4.37
N PRO A 587 -29.86 -14.03 3.39
CA PRO A 587 -28.93 -12.99 2.94
C PRO A 587 -28.46 -12.05 4.04
N GLU A 588 -29.28 -11.83 5.06
CA GLU A 588 -28.87 -10.99 6.19
C GLU A 588 -27.63 -11.55 6.86
N GLN A 589 -27.55 -12.88 6.99
CA GLN A 589 -26.36 -13.49 7.59
C GLN A 589 -25.13 -13.32 6.70
N VAL A 590 -25.30 -13.40 5.39
CA VAL A 590 -24.17 -13.19 4.49
C VAL A 590 -23.65 -11.76 4.59
N VAL A 591 -24.56 -10.77 4.60
CA VAL A 591 -24.11 -9.39 4.71
C VAL A 591 -23.60 -9.08 6.11
N ALA A 592 -23.97 -9.87 7.12
CA ALA A 592 -23.37 -9.71 8.43
C ALA A 592 -21.95 -10.29 8.47
N ILE A 593 -21.72 -11.38 7.75
CA ILE A 593 -20.37 -11.94 7.68
C ILE A 593 -19.44 -11.02 6.89
N ALA A 594 -19.96 -10.41 5.82
CA ALA A 594 -19.13 -9.65 4.89
C ALA A 594 -19.11 -8.15 5.20
N SER A 595 -19.21 -7.78 6.48
CA SER A 595 -19.19 -6.36 6.82
C SER A 595 -18.37 -6.04 8.07
N ASN A 596 -17.64 -7.01 8.64
CA ASN A 596 -16.84 -6.80 9.84
C ASN A 596 -15.35 -6.93 9.57
N GLY A 597 -14.88 -6.34 8.47
CA GLY A 597 -13.49 -6.49 8.08
C GLY A 597 -13.26 -7.82 7.38
N GLY A 598 -12.12 -7.90 6.70
CA GLY A 598 -11.88 -9.06 5.87
C GLY A 598 -12.92 -9.15 4.78
N GLY A 599 -13.88 -10.07 4.94
CA GLY A 599 -15.01 -10.16 4.05
C GLY A 599 -14.78 -10.98 2.79
N LYS A 600 -13.55 -11.43 2.56
CA LYS A 600 -13.24 -12.39 1.52
C LYS A 600 -12.76 -13.72 2.08
N GLN A 601 -11.84 -13.67 3.05
CA GLN A 601 -11.38 -14.89 3.70
C GLN A 601 -12.50 -15.55 4.51
N ALA A 602 -13.32 -14.74 5.20
CA ALA A 602 -14.36 -15.29 6.05
C ALA A 602 -15.41 -16.04 5.25
N LEU A 603 -15.83 -15.47 4.11
CA LEU A 603 -16.90 -16.09 3.33
C LEU A 603 -16.43 -17.39 2.69
N GLU A 604 -15.23 -17.39 2.10
CA GLU A 604 -14.69 -18.62 1.52
C GLU A 604 -14.43 -19.67 2.60
N THR A 605 -13.96 -19.24 3.77
CA THR A 605 -13.74 -20.18 4.86
C THR A 605 -15.04 -20.80 5.31
N VAL A 606 -16.11 -20.01 5.42
CA VAL A 606 -17.41 -20.55 5.79
C VAL A 606 -17.88 -21.55 4.75
N GLN A 607 -17.75 -21.22 3.46
CA GLN A 607 -18.20 -22.13 2.42
C GLN A 607 -17.41 -23.43 2.45
N ARG A 608 -16.10 -23.35 2.68
CA ARG A 608 -15.25 -24.54 2.66
C ARG A 608 -15.42 -25.40 3.90
N LEU A 609 -15.69 -24.79 5.06
CA LEU A 609 -15.71 -25.51 6.33
C LEU A 609 -17.11 -25.81 6.85
N LEU A 610 -18.16 -25.35 6.18
CA LEU A 610 -19.52 -25.60 6.69
C LEU A 610 -19.88 -27.08 6.78
N PRO A 611 -19.67 -27.92 5.75
CA PRO A 611 -20.16 -29.30 5.82
C PRO A 611 -19.50 -30.13 6.92
N VAL A 612 -18.17 -30.12 6.96
CA VAL A 612 -17.46 -30.96 7.92
C VAL A 612 -17.68 -30.48 9.34
N LEU A 613 -17.77 -29.16 9.56
CA LEU A 613 -17.98 -28.64 10.89
C LEU A 613 -19.40 -28.86 11.36
N CYS A 614 -20.37 -28.82 10.45
CA CYS A 614 -21.76 -29.05 10.83
C CYS A 614 -22.03 -30.53 11.08
N GLN A 615 -21.39 -31.42 10.33
CA GLN A 615 -21.68 -32.86 10.43
C GLN A 615 -20.80 -33.55 11.46
N ALA A 616 -19.47 -33.45 11.31
CA ALA A 616 -18.57 -34.24 12.15
C ALA A 616 -18.67 -33.84 13.60
N HIS A 617 -18.73 -32.54 13.88
CA HIS A 617 -18.74 -32.06 15.26
C HIS A 617 -20.15 -31.89 15.81
N GLY A 618 -21.07 -31.33 15.03
CA GLY A 618 -22.44 -31.20 15.47
C GLY A 618 -22.84 -29.79 15.91
N LEU A 619 -22.43 -28.79 15.14
CA LEU A 619 -22.80 -27.41 15.39
C LEU A 619 -23.75 -26.94 14.30
N THR A 620 -24.83 -26.26 14.71
CA THR A 620 -25.79 -25.73 13.77
C THR A 620 -25.16 -24.60 12.95
N PRO A 621 -25.70 -24.31 11.76
CA PRO A 621 -25.15 -23.20 10.97
C PRO A 621 -25.24 -21.86 11.67
N GLU A 622 -26.18 -21.70 12.60
CA GLU A 622 -26.26 -20.46 13.36
C GLU A 622 -25.01 -20.23 14.20
N GLN A 623 -24.49 -21.28 14.83
CA GLN A 623 -23.32 -21.14 15.69
C GLN A 623 -22.08 -20.76 14.88
N VAL A 624 -21.87 -21.40 13.73
CA VAL A 624 -20.71 -21.06 12.90
C VAL A 624 -20.87 -19.66 12.32
N VAL A 625 -22.10 -19.28 11.96
CA VAL A 625 -22.33 -17.93 11.47
C VAL A 625 -22.00 -16.90 12.55
N ALA A 626 -22.42 -17.18 13.79
CA ALA A 626 -22.11 -16.26 14.89
C ALA A 626 -20.62 -16.19 15.15
N ILE A 627 -19.93 -17.32 15.07
CA ILE A 627 -18.48 -17.32 15.30
C ILE A 627 -17.77 -16.49 14.25
N ALA A 628 -18.15 -16.67 12.98
CA ALA A 628 -17.49 -15.95 11.89
C ALA A 628 -17.94 -14.50 11.76
N SER A 629 -19.07 -14.14 12.36
CA SER A 629 -19.63 -12.80 12.17
C SER A 629 -18.76 -11.74 12.82
N ASN A 630 -18.60 -11.79 14.13
CA ASN A 630 -17.92 -10.75 14.88
C ASN A 630 -16.49 -11.20 15.18
N GLY A 631 -15.51 -10.45 14.66
CA GLY A 631 -14.11 -10.74 14.86
C GLY A 631 -13.38 -10.92 13.55
N GLY A 632 -12.39 -11.81 13.55
CA GLY A 632 -11.61 -12.09 12.37
C GLY A 632 -12.27 -13.11 11.46
N GLY A 633 -12.78 -14.19 12.04
CA GLY A 633 -13.49 -15.20 11.29
C GLY A 633 -12.63 -16.34 10.80
N LYS A 634 -11.66 -16.04 9.93
CA LYS A 634 -10.82 -17.09 9.36
C LYS A 634 -9.95 -17.74 10.44
N GLN A 635 -9.34 -16.92 11.30
CA GLN A 635 -8.43 -17.47 12.33
C GLN A 635 -9.25 -18.10 13.46
N ALA A 636 -10.50 -17.67 13.64
CA ALA A 636 -11.34 -18.24 14.68
C ALA A 636 -12.01 -19.54 14.25
N LEU A 637 -12.17 -19.75 12.95
CA LEU A 637 -12.75 -20.99 12.43
C LEU A 637 -11.70 -22.04 12.12
N GLU A 638 -10.60 -21.65 11.46
CA GLU A 638 -9.57 -22.62 11.11
C GLU A 638 -8.93 -23.23 12.36
N SER A 639 -8.68 -22.42 13.38
CA SER A 639 -8.14 -22.87 14.65
C SER A 639 -9.25 -22.87 15.70
N ILE A 640 -8.86 -23.19 16.94
CA ILE A 640 -9.75 -23.16 18.10
C ILE A 640 -10.89 -24.16 17.94
N VAL A 641 -11.68 -24.01 16.89
CA VAL A 641 -12.88 -24.82 16.69
C VAL A 641 -12.61 -26.03 15.81
N ALA A 642 -11.97 -25.84 14.67
CA ALA A 642 -11.74 -26.92 13.72
C ALA A 642 -10.40 -27.60 13.92
N GLN A 643 -9.59 -27.18 14.88
CA GLN A 643 -8.31 -27.81 15.17
C GLN A 643 -8.26 -28.42 16.55
N LEU A 644 -8.62 -27.66 17.59
CA LEU A 644 -8.62 -28.20 18.95
C LEU A 644 -9.65 -29.32 19.08
N SER A 645 -10.82 -29.14 18.50
CA SER A 645 -11.88 -30.14 18.57
C SER A 645 -11.71 -31.18 17.46
N GLY D 1 -39.73 -19.56 33.96
CA GLY D 1 -41.18 -19.52 33.96
C GLY D 1 -41.75 -18.12 34.00
N SER D 2 -42.02 -17.62 35.21
CA SER D 2 -42.56 -16.29 35.40
C SER D 2 -41.77 -15.58 36.49
N TYR D 3 -41.66 -14.26 36.36
CA TYR D 3 -40.97 -13.44 37.35
C TYR D 3 -41.90 -12.35 37.83
N ALA D 4 -41.69 -11.93 39.09
CA ALA D 4 -42.59 -11.02 39.77
C ALA D 4 -42.20 -9.58 39.49
N LEU D 5 -43.17 -8.79 39.02
CA LEU D 5 -43.00 -7.36 38.79
C LEU D 5 -44.31 -6.69 39.23
N GLY D 6 -44.29 -6.11 40.43
CA GLY D 6 -45.47 -5.51 41.00
C GLY D 6 -46.57 -6.54 41.16
N PRO D 7 -47.75 -6.24 40.62
CA PRO D 7 -48.83 -7.23 40.59
C PRO D 7 -48.82 -8.14 39.37
N TYR D 8 -48.04 -7.82 38.34
CA TYR D 8 -48.09 -8.59 37.12
C TYR D 8 -47.18 -9.81 37.18
N GLN D 9 -47.31 -10.68 36.19
CA GLN D 9 -46.47 -11.87 36.05
C GLN D 9 -46.01 -11.94 34.60
N ILE D 10 -44.70 -11.85 34.38
CA ILE D 10 -44.13 -11.79 33.04
C ILE D 10 -43.26 -13.01 32.82
N SER D 11 -43.44 -13.66 31.67
CA SER D 11 -42.65 -14.80 31.25
C SER D 11 -41.64 -14.35 30.19
N ALA D 12 -40.85 -15.30 29.70
CA ALA D 12 -39.83 -15.00 28.70
C ALA D 12 -40.48 -14.82 27.33
N PRO D 13 -40.32 -13.68 26.68
CA PRO D 13 -40.89 -13.48 25.35
C PRO D 13 -39.98 -14.05 24.27
N GLN D 14 -40.39 -13.86 23.02
CA GLN D 14 -39.59 -14.32 21.88
C GLN D 14 -38.48 -13.34 21.58
N LEU D 15 -37.29 -13.88 21.30
CA LEU D 15 -36.12 -13.07 21.00
C LEU D 15 -35.44 -13.59 19.74
N PRO D 16 -34.97 -12.69 18.86
CA PRO D 16 -34.25 -13.13 17.66
C PRO D 16 -33.09 -14.07 17.95
N ALA D 17 -32.63 -14.77 16.90
CA ALA D 17 -31.52 -15.69 17.04
C ALA D 17 -30.22 -14.95 17.27
N TYR D 18 -29.27 -15.62 17.93
CA TYR D 18 -27.99 -15.01 18.29
C TYR D 18 -27.07 -15.02 17.09
N ASN D 19 -26.90 -13.86 16.47
CA ASN D 19 -26.02 -13.70 15.31
C ASN D 19 -24.69 -13.05 15.68
N GLY D 20 -24.41 -12.85 16.96
CA GLY D 20 -23.23 -12.18 17.43
C GLY D 20 -23.49 -10.83 18.05
N GLN D 21 -24.64 -10.23 17.77
CA GLN D 21 -25.04 -8.97 18.37
C GLN D 21 -26.27 -9.23 19.24
N THR D 22 -26.20 -8.83 20.50
CA THR D 22 -27.21 -9.19 21.47
C THR D 22 -28.41 -8.26 21.39
N VAL D 23 -29.61 -8.82 21.58
CA VAL D 23 -30.84 -8.05 21.65
C VAL D 23 -31.52 -8.38 22.97
N GLY D 24 -32.33 -7.44 23.45
CA GLY D 24 -32.96 -7.62 24.75
C GLY D 24 -34.26 -6.86 24.88
N THR D 25 -35.07 -7.29 25.83
CA THR D 25 -36.36 -6.69 26.12
C THR D 25 -36.39 -6.29 27.59
N PHE D 26 -36.88 -5.07 27.85
CA PHE D 26 -36.93 -4.49 29.18
C PHE D 26 -38.38 -4.16 29.53
N TYR D 27 -38.81 -4.60 30.71
CA TYR D 27 -40.15 -4.33 31.22
C TYR D 27 -40.07 -3.52 32.50
N TYR D 28 -41.03 -2.61 32.64
CA TYR D 28 -41.13 -1.79 33.85
C TYR D 28 -42.58 -1.35 34.03
N VAL D 29 -42.83 -0.65 35.13
CA VAL D 29 -44.17 -0.19 35.51
C VAL D 29 -44.21 1.32 35.35
N ASN D 30 -45.14 1.80 34.54
CA ASN D 30 -45.34 3.24 34.39
C ASN D 30 -45.98 3.81 35.65
N ASP D 31 -46.08 5.14 35.68
CA ASP D 31 -46.73 5.79 36.82
C ASP D 31 -48.24 5.81 36.66
N ALA D 32 -48.80 4.65 36.32
CA ALA D 32 -50.24 4.44 36.28
C ALA D 32 -50.69 3.11 36.87
N GLY D 33 -49.79 2.14 37.03
CA GLY D 33 -50.16 0.78 37.40
C GLY D 33 -50.08 -0.22 36.28
N GLY D 34 -49.64 0.19 35.09
CA GLY D 34 -49.58 -0.68 33.93
C GLY D 34 -48.21 -1.30 33.73
N LEU D 35 -48.00 -1.82 32.53
CA LEU D 35 -46.77 -2.49 32.14
C LEU D 35 -46.30 -1.95 30.80
N GLU D 36 -45.02 -1.59 30.71
CA GLU D 36 -44.45 -1.11 29.46
C GLU D 36 -43.14 -1.84 29.17
N GLY D 37 -42.86 -1.98 27.88
CA GLY D 37 -41.68 -2.71 27.43
C GLY D 37 -40.98 -1.96 26.32
N LYS D 38 -39.65 -2.12 26.29
CA LYS D 38 -38.80 -1.47 25.29
C LYS D 38 -37.73 -2.44 24.84
N VAL D 39 -37.28 -2.28 23.60
CA VAL D 39 -36.27 -3.15 23.01
C VAL D 39 -34.92 -2.46 23.04
N PHE D 40 -33.87 -3.26 23.14
CA PHE D 40 -32.50 -2.75 23.15
C PHE D 40 -31.61 -3.64 22.28
N ILE D 41 -30.64 -3.02 21.62
CA ILE D 41 -29.69 -3.71 20.76
C ILE D 41 -28.29 -3.27 21.14
N SER D 42 -27.37 -4.22 21.21
CA SER D 42 -26.01 -3.93 21.64
C SER D 42 -25.30 -3.03 20.66
N GLY D 43 -24.23 -2.39 21.13
CA GLY D 43 -23.49 -1.44 20.33
C GLY D 43 -24.15 -0.08 20.29
N GLY D 44 -23.66 0.74 19.37
CA GLY D 44 -24.19 2.07 19.18
C GLY D 44 -23.46 3.11 20.01
N PRO D 45 -23.64 4.38 19.67
CA PRO D 45 -22.97 5.45 20.43
C PRO D 45 -23.48 5.51 21.86
N THR D 46 -22.57 5.86 22.77
CA THR D 46 -22.87 5.95 24.19
C THR D 46 -22.24 7.22 24.75
N PRO D 47 -22.87 7.84 25.74
CA PRO D 47 -22.28 9.04 26.36
C PRO D 47 -21.16 8.74 27.34
N TYR D 48 -20.92 7.47 27.67
CA TYR D 48 -19.88 7.08 28.63
C TYR D 48 -19.02 6.00 28.01
N PRO D 49 -18.11 6.37 27.10
CA PRO D 49 -17.25 5.37 26.48
C PRO D 49 -16.21 4.79 27.43
N ASN D 50 -15.93 5.45 28.55
CA ASN D 50 -14.92 4.95 29.48
C ASN D 50 -15.39 3.73 30.25
N TYR D 51 -16.71 3.52 30.35
CA TYR D 51 -17.27 2.36 31.02
C TYR D 51 -17.56 1.28 29.99
N VAL D 52 -17.04 0.08 30.24
CA VAL D 52 -17.21 -1.02 29.28
C VAL D 52 -18.67 -1.44 29.22
N SER D 53 -19.36 -1.44 30.36
CA SER D 53 -20.72 -1.95 30.40
C SER D 53 -21.73 -1.05 29.71
N ALA D 54 -21.45 0.26 29.61
CA ALA D 54 -22.42 1.24 29.16
C ALA D 54 -22.86 1.03 27.70
N GLY D 55 -22.31 0.03 27.03
CA GLY D 55 -22.71 -0.29 25.68
C GLY D 55 -23.41 -1.63 25.57
N HIS D 56 -23.46 -2.36 26.68
CA HIS D 56 -24.10 -3.67 26.72
C HIS D 56 -25.60 -3.52 26.98
N VAL D 57 -26.31 -4.64 26.80
CA VAL D 57 -27.76 -4.63 26.94
C VAL D 57 -28.18 -4.37 28.38
N GLU D 58 -27.55 -5.07 29.32
CA GLU D 58 -27.96 -4.99 30.72
C GLU D 58 -27.49 -3.71 31.41
N SER D 59 -26.90 -2.76 30.69
CA SER D 59 -26.52 -1.48 31.28
C SER D 59 -27.16 -0.28 30.59
N GLN D 60 -27.54 -0.38 29.32
CA GLN D 60 -28.37 0.66 28.73
C GLN D 60 -29.72 0.73 29.43
N SER D 61 -30.28 -0.43 29.78
CA SER D 61 -31.50 -0.45 30.58
C SER D 61 -31.27 0.13 31.96
N ALA D 62 -30.09 -0.12 32.55
CA ALA D 62 -29.77 0.47 33.84
C ALA D 62 -29.73 1.99 33.76
N LEU D 63 -29.12 2.53 32.71
CA LEU D 63 -29.09 3.98 32.54
C LEU D 63 -30.48 4.54 32.25
N PHE D 64 -31.31 3.78 31.54
CA PHE D 64 -32.68 4.20 31.30
C PHE D 64 -33.50 4.21 32.57
N MET D 65 -33.17 3.32 33.52
CA MET D 65 -33.82 3.35 34.83
C MET D 65 -33.37 4.53 35.68
N ARG D 66 -32.32 5.23 35.28
CA ARG D 66 -31.82 6.40 36.02
C ARG D 66 -32.25 7.71 35.38
N ASP D 67 -32.33 7.77 34.05
CA ASP D 67 -32.78 8.99 33.40
C ASP D 67 -34.21 9.34 33.77
N ASN D 68 -35.09 8.34 33.82
CA ASN D 68 -36.50 8.55 34.16
C ASN D 68 -36.82 8.25 35.61
N GLY D 69 -35.83 7.86 36.41
CA GLY D 69 -36.06 7.63 37.83
C GLY D 69 -37.01 6.49 38.15
N ILE D 70 -36.87 5.37 37.47
CA ILE D 70 -37.70 4.19 37.73
C ILE D 70 -37.01 3.33 38.79
N SER D 71 -37.81 2.49 39.45
CA SER D 71 -37.32 1.71 40.58
C SER D 71 -37.06 0.25 40.22
N GLU D 72 -38.04 -0.46 39.67
CA GLU D 72 -37.92 -1.87 39.37
C GLU D 72 -38.08 -2.14 37.88
N GLY D 73 -37.34 -3.12 37.38
CA GLY D 73 -37.41 -3.49 35.98
C GLY D 73 -36.93 -4.91 35.78
N LEU D 74 -37.02 -5.38 34.55
CA LEU D 74 -36.59 -6.73 34.23
C LEU D 74 -36.12 -6.79 32.79
N VAL D 75 -34.98 -7.43 32.55
CA VAL D 75 -34.36 -7.47 31.23
C VAL D 75 -34.12 -8.92 30.83
N PHE D 76 -34.19 -9.16 29.52
CA PHE D 76 -33.83 -10.45 28.93
C PHE D 76 -32.77 -10.24 27.85
N HIS D 77 -32.11 -11.33 27.46
CA HIS D 77 -31.18 -11.31 26.33
C HIS D 77 -31.01 -12.74 25.82
N ASN D 78 -30.31 -12.86 24.69
CA ASN D 78 -30.20 -14.12 23.95
C ASN D 78 -28.75 -14.48 23.66
N ASN D 79 -27.89 -14.40 24.68
CA ASN D 79 -26.48 -14.76 24.52
C ASN D 79 -26.21 -16.06 25.24
N PRO D 80 -25.75 -17.12 24.56
CA PRO D 80 -25.45 -18.38 25.26
C PRO D 80 -24.10 -18.33 25.98
N LYS D 81 -23.82 -17.20 26.63
CA LYS D 81 -22.65 -17.08 27.49
C LYS D 81 -22.94 -16.42 28.82
N GLY D 82 -24.04 -15.70 28.97
CA GLY D 82 -24.37 -15.05 30.22
C GLY D 82 -23.88 -13.62 30.28
N THR D 83 -23.74 -13.13 31.50
CA THR D 83 -23.23 -11.79 31.74
C THR D 83 -21.71 -11.84 31.90
N CYS D 84 -21.04 -10.91 31.23
CA CYS D 84 -19.58 -10.84 31.33
C CYS D 84 -19.16 -10.39 32.74
N GLY D 85 -17.86 -10.51 33.00
CA GLY D 85 -17.35 -10.11 34.29
C GLY D 85 -17.28 -8.61 34.52
N PHE D 86 -17.51 -7.82 33.48
CA PHE D 86 -17.46 -6.37 33.62
C PHE D 86 -18.76 -5.80 34.18
N CYS D 87 -19.90 -6.34 33.74
CA CYS D 87 -21.18 -5.78 34.17
C CYS D 87 -21.49 -6.11 35.62
N VAL D 88 -21.08 -7.29 36.09
CA VAL D 88 -21.34 -7.69 37.47
C VAL D 88 -20.58 -6.85 38.49
N ASN D 89 -19.67 -5.98 38.04
CA ASN D 89 -19.03 -5.00 38.90
C ASN D 89 -19.48 -3.58 38.68
N MET D 90 -20.05 -3.25 37.51
CA MET D 90 -20.33 -1.87 37.14
C MET D 90 -21.82 -1.55 37.11
N ILE D 91 -22.70 -2.54 37.08
CA ILE D 91 -24.13 -2.26 37.03
C ILE D 91 -24.58 -1.55 38.30
N GLU D 92 -24.07 -1.98 39.45
CA GLU D 92 -24.43 -1.32 40.70
C GLU D 92 -23.97 0.13 40.71
N THR D 93 -22.76 0.40 40.20
CA THR D 93 -22.29 1.78 40.13
C THR D 93 -23.15 2.62 39.21
N LEU D 94 -23.53 2.08 38.05
CA LEU D 94 -24.35 2.85 37.13
C LEU D 94 -25.78 3.02 37.64
N LEU D 95 -26.27 2.06 38.42
CA LEU D 95 -27.64 2.13 38.91
C LEU D 95 -27.76 3.20 40.00
N PRO D 96 -28.89 3.93 40.05
CA PRO D 96 -29.10 4.90 41.13
C PRO D 96 -29.30 4.23 42.48
N GLU D 97 -29.45 5.03 43.54
CA GLU D 97 -29.54 4.49 44.89
C GLU D 97 -30.85 3.73 45.09
N ASN D 98 -30.76 2.58 45.75
CA ASN D 98 -31.93 1.77 46.11
C ASN D 98 -32.77 1.40 44.88
N ALA D 99 -32.10 1.07 43.78
CA ALA D 99 -32.75 0.60 42.57
C ALA D 99 -32.48 -0.88 42.39
N LYS D 100 -33.52 -1.65 42.13
CA LYS D 100 -33.44 -3.10 42.02
C LYS D 100 -33.63 -3.52 40.57
N MET D 101 -32.74 -4.39 40.10
CA MET D 101 -32.78 -4.88 38.72
C MET D 101 -32.54 -6.38 38.70
N THR D 102 -33.16 -7.07 37.75
CA THR D 102 -32.95 -8.50 37.57
C THR D 102 -32.63 -8.78 36.10
N VAL D 103 -31.62 -9.59 35.86
CA VAL D 103 -31.21 -9.97 34.51
C VAL D 103 -31.36 -11.48 34.39
N VAL D 104 -32.12 -11.92 33.40
CA VAL D 104 -32.44 -13.33 33.22
C VAL D 104 -31.73 -13.82 31.96
N PRO D 105 -30.71 -14.68 32.09
CA PRO D 105 -30.08 -15.26 30.91
C PRO D 105 -31.00 -16.26 30.23
N PRO D 106 -30.77 -16.55 28.96
CA PRO D 106 -31.53 -17.62 28.31
C PRO D 106 -31.22 -18.96 28.93
N GLU D 107 -32.19 -19.87 28.86
CA GLU D 107 -32.02 -21.19 29.44
C GLU D 107 -30.89 -21.94 28.74
N GLY D 108 -30.02 -22.55 29.54
CA GLY D 108 -28.90 -23.31 29.00
C GLY D 108 -27.60 -22.54 28.83
N VAL D 109 -27.43 -21.41 29.52
CA VAL D 109 -26.21 -20.64 29.41
C VAL D 109 -25.07 -21.37 30.10
N ILE D 110 -23.96 -21.53 29.39
CA ILE D 110 -22.77 -22.19 29.91
C ILE D 110 -21.62 -21.20 29.85
N PRO D 111 -21.28 -20.55 30.97
CA PRO D 111 -20.14 -19.63 30.97
C PRO D 111 -18.84 -20.37 30.64
N VAL D 112 -17.97 -19.68 29.90
CA VAL D 112 -16.71 -20.25 29.44
C VAL D 112 -15.50 -19.47 29.96
N LYS D 113 -15.58 -18.15 30.01
CA LYS D 113 -14.44 -17.32 30.38
C LYS D 113 -14.49 -16.99 31.87
N ARG D 114 -13.49 -16.24 32.33
CA ARG D 114 -13.35 -15.91 33.74
C ARG D 114 -14.27 -14.76 34.11
N GLY D 115 -15.09 -14.97 35.14
CA GLY D 115 -16.02 -13.97 35.61
C GLY D 115 -17.42 -14.09 35.08
N ALA D 116 -17.64 -14.89 34.04
CA ALA D 116 -18.98 -15.04 33.47
C ALA D 116 -19.87 -15.85 34.39
N THR D 117 -21.17 -15.53 34.37
CA THR D 117 -22.16 -16.19 35.21
C THR D 117 -23.38 -16.55 34.38
N GLY D 118 -24.00 -17.68 34.71
CA GLY D 118 -25.14 -18.17 33.95
C GLY D 118 -26.41 -18.36 34.75
N GLU D 119 -26.63 -17.51 35.75
CA GLU D 119 -27.84 -17.58 36.57
C GLU D 119 -28.37 -16.18 36.78
N THR D 120 -29.67 -16.10 37.08
CA THR D 120 -30.32 -14.82 37.32
C THR D 120 -29.78 -14.18 38.59
N LYS D 121 -29.57 -12.87 38.52
CA LYS D 121 -29.03 -12.11 39.65
C LYS D 121 -29.94 -10.94 39.98
N VAL D 122 -29.73 -10.40 41.19
CA VAL D 122 -30.42 -9.20 41.66
C VAL D 122 -29.37 -8.14 41.92
N PHE D 123 -29.57 -6.97 41.32
CA PHE D 123 -28.65 -5.84 41.43
C PHE D 123 -29.30 -4.74 42.24
N ILE D 124 -28.58 -4.22 43.23
CA ILE D 124 -29.03 -3.13 44.08
C ILE D 124 -28.06 -1.97 43.91
N GLY D 125 -28.59 -0.78 43.62
CA GLY D 125 -27.75 0.36 43.34
C GLY D 125 -27.11 0.95 44.60
N ASN D 126 -25.99 1.64 44.38
CA ASN D 126 -25.27 2.33 45.44
C ASN D 126 -25.24 3.83 45.17
N SER D 127 -24.75 4.57 46.16
CA SER D 127 -24.86 6.03 46.12
C SER D 127 -23.96 6.66 45.07
N ASN D 128 -22.86 6.00 44.71
CA ASN D 128 -21.89 6.60 43.81
C ASN D 128 -22.46 6.67 42.38
N GLY D 129 -21.81 7.50 41.56
CA GLY D 129 -22.22 7.69 40.20
C GLY D 129 -21.05 7.62 39.23
N PRO D 130 -21.35 7.57 37.93
CA PRO D 130 -20.27 7.48 36.94
C PRO D 130 -19.42 8.73 36.90
N LYS D 131 -18.14 8.53 36.58
CA LYS D 131 -17.22 9.65 36.39
C LYS D 131 -17.37 10.22 34.98
N SER D 132 -17.26 11.53 34.87
CA SER D 132 -17.40 12.18 33.57
C SER D 132 -16.25 11.77 32.65
N PRO D 133 -16.51 11.54 31.36
CA PRO D 133 -15.48 11.15 30.41
C PRO D 133 -14.50 12.29 30.11
ZN ZN E . -21.94 -7.14 29.99
#